data_8CSW
#
_entry.id   8CSW
#
_cell.length_a   1.00
_cell.length_b   1.00
_cell.length_c   1.00
_cell.angle_alpha   90.00
_cell.angle_beta   90.00
_cell.angle_gamma   90.00
#
_symmetry.space_group_name_H-M   'P 1'
#
loop_
_entity.id
_entity.type
_entity.pdbx_description
1 polymer 'Protein 4.2'
2 water water
#
_entity_poly.entity_id   1
_entity_poly.type   'polypeptide(L)'
_entity_poly.pdbx_seq_one_letter_code
;MGQALGIKSCDFQAARNNEEHHTKALSSRRLFVRRGQPFTIILYFRAPVRAFLPALKKVALTAQTGEQPSKINRTQATFP
ISSLGDRKWWSAVVEERDAQSWTISVTTPADAVIGHYSLLLQVSGRKQLLLGQFTLLFNPWNREDAVFLKNEAQRMEYLL
NQNGLIYLGTADCIQAESWDFGQFEGDVIDLSLRLLSKDKQVEKWSQPVHVARVLGALLHFLKEQRVLPTPQTQATQEGA
LLNKRRGSVPILRQWLTGRGRPVYDGQAWVLAAVACTVLRCLGIPARVVTTFASAQGTGGRLLIDEYYNEEGLQNGEGQR
GRIWIFQTSTECWMTRPALPQGYDGWQILHPSAPNGGGVLGSCDLVPVRAVKEGTLGLTPAVSDLFAAINASCVVWKCCE
DGTLELTDSNTKYVGNNISTKGVGSDRCEDITQNYKYPEGSLQEKEVLERVEKEKMEREKDNGIRPPSLETASPLYLLLK
APSSLPLRGDAQISVTLVNHSEQEKAVQLAIGVQAVHYNGVLAAKLWRKKLHLTLSANLEKIITIGLFFSNFERNPPENT
FLRLTAMATHSESNLSCFAQEDIAICRPHLAIKMPEKAEQYQPLTASVSLQNSLDAPMEDCVISILGRGLIHRERSYRFR
SVWPENTMCAKFQFTPTHVGLQRLTVEVDCNMFQNLTNYKSVTVVAPELSA
;
_entity_poly.pdbx_strand_id   X
#
# COMPACT_ATOMS: atom_id res chain seq x y z
N ALA A 4 11.50 -52.68 16.54
CA ALA A 4 10.61 -52.50 17.68
C ALA A 4 10.31 -51.02 17.92
N LEU A 5 10.59 -50.21 16.90
CA LEU A 5 10.34 -48.77 16.97
C LEU A 5 9.84 -48.20 15.65
N GLY A 6 8.97 -48.93 14.97
CA GLY A 6 8.44 -48.45 13.70
C GLY A 6 7.47 -47.30 13.90
N ILE A 7 7.40 -46.45 12.88
CA ILE A 7 6.59 -45.23 12.95
C ILE A 7 5.34 -45.44 12.12
N LYS A 8 4.19 -45.36 12.77
CA LYS A 8 2.92 -45.51 12.08
C LYS A 8 2.52 -44.23 11.35
N SER A 9 2.64 -43.09 12.02
CA SER A 9 2.23 -41.82 11.44
C SER A 9 2.83 -40.69 12.27
N CYS A 10 2.59 -39.46 11.81
CA CYS A 10 2.97 -38.26 12.54
C CYS A 10 1.91 -37.21 12.33
N ASP A 11 1.24 -36.83 13.41
CA ASP A 11 0.24 -35.78 13.38
C ASP A 11 0.91 -34.44 13.64
N PHE A 12 0.87 -33.54 12.66
CA PHE A 12 1.47 -32.23 12.81
C PHE A 12 0.59 -31.25 13.56
N GLN A 13 -0.68 -31.61 13.79
CA GLN A 13 -1.63 -30.79 14.55
C GLN A 13 -1.68 -29.37 14.01
N ALA A 14 -1.96 -29.27 12.70
CA ALA A 14 -1.83 -27.98 12.02
C ALA A 14 -2.82 -26.97 12.57
N ALA A 15 -4.02 -27.41 12.96
CA ALA A 15 -5.01 -26.47 13.48
C ALA A 15 -4.54 -25.80 14.76
N ARG A 16 -4.12 -26.60 15.75
CA ARG A 16 -3.69 -26.04 17.03
C ARG A 16 -2.43 -25.19 16.87
N ASN A 17 -1.45 -25.69 16.13
CA ASN A 17 -0.20 -24.94 15.97
C ASN A 17 -0.44 -23.65 15.19
N ASN A 18 -1.25 -23.72 14.13
CA ASN A 18 -1.52 -22.54 13.33
C ASN A 18 -2.28 -21.49 14.13
N GLU A 19 -3.16 -21.91 15.05
CA GLU A 19 -3.79 -20.94 15.93
C GLU A 19 -2.77 -20.35 16.91
N GLU A 20 -1.82 -21.16 17.38
CA GLU A 20 -0.81 -20.62 18.29
C GLU A 20 0.23 -19.78 17.56
N HIS A 21 0.50 -20.09 16.29
CA HIS A 21 1.51 -19.38 15.52
C HIS A 21 0.91 -18.28 14.65
N HIS A 22 -0.36 -17.93 14.85
CA HIS A 22 -1.02 -16.83 14.15
C HIS A 22 -1.02 -17.04 12.64
N THR A 23 -1.16 -18.30 12.23
CA THR A 23 -1.30 -18.66 10.83
C THR A 23 -2.61 -19.40 10.59
N LYS A 24 -3.59 -19.22 11.48
CA LYS A 24 -4.86 -19.93 11.37
C LYS A 24 -5.66 -19.47 10.16
N ALA A 25 -5.48 -18.22 9.73
CA ALA A 25 -6.17 -17.75 8.53
C ALA A 25 -5.65 -18.44 7.29
N LEU A 26 -4.41 -18.92 7.32
CA LEU A 26 -3.84 -19.63 6.18
C LEU A 26 -4.52 -20.98 5.99
N SER A 27 -4.47 -21.84 7.00
CA SER A 27 -4.90 -23.21 6.82
C SER A 27 -5.21 -23.82 8.18
N SER A 28 -5.99 -24.89 8.15
CA SER A 28 -6.14 -25.79 9.28
C SER A 28 -5.61 -27.18 8.97
N ARG A 29 -5.13 -27.39 7.75
CA ARG A 29 -4.60 -28.68 7.30
C ARG A 29 -3.09 -28.67 7.16
N ARG A 30 -2.54 -27.66 6.51
CA ARG A 30 -1.10 -27.55 6.37
C ARG A 30 -0.50 -26.82 7.56
N LEU A 31 0.70 -27.22 7.95
CA LEU A 31 1.37 -26.60 9.09
C LEU A 31 2.14 -25.38 8.62
N PHE A 32 1.78 -24.21 9.15
CA PHE A 32 2.53 -22.98 8.96
C PHE A 32 2.98 -22.50 10.33
N VAL A 33 4.29 -22.52 10.57
CA VAL A 33 4.82 -22.11 11.86
C VAL A 33 5.76 -20.93 11.66
N ARG A 34 5.91 -20.14 12.71
CA ARG A 34 6.78 -18.99 12.70
C ARG A 34 8.04 -19.30 13.50
N ARG A 35 9.18 -18.83 13.00
CA ARG A 35 10.47 -19.24 13.54
C ARG A 35 10.66 -18.74 14.97
N GLY A 36 11.43 -19.50 15.75
CA GLY A 36 11.71 -19.13 17.11
C GLY A 36 10.60 -19.43 18.09
N GLN A 37 9.57 -20.16 17.69
CA GLN A 37 8.45 -20.48 18.55
C GLN A 37 8.19 -21.98 18.47
N PRO A 38 7.95 -22.65 19.60
CA PRO A 38 7.73 -24.10 19.56
C PRO A 38 6.41 -24.46 18.89
N PHE A 39 6.42 -25.60 18.19
CA PHE A 39 5.21 -26.21 17.70
C PHE A 39 5.23 -27.69 18.06
N THR A 40 4.03 -28.27 18.19
CA THR A 40 3.86 -29.60 18.74
C THR A 40 3.40 -30.57 17.66
N ILE A 41 4.10 -31.70 17.56
CA ILE A 41 3.69 -32.81 16.69
C ILE A 41 3.48 -34.03 17.57
N ILE A 42 2.70 -34.98 17.05
CA ILE A 42 2.43 -36.24 17.73
C ILE A 42 2.95 -37.36 16.86
N LEU A 43 3.81 -38.20 17.42
CA LEU A 43 4.44 -39.30 16.69
C LEU A 43 3.82 -40.61 17.14
N TYR A 44 3.26 -41.36 16.19
CA TYR A 44 2.57 -42.61 16.49
C TYR A 44 3.41 -43.80 16.06
N PHE A 45 3.55 -44.76 16.97
CA PHE A 45 4.32 -45.98 16.73
C PHE A 45 3.39 -47.12 16.34
N ARG A 46 3.87 -47.97 15.43
CA ARG A 46 3.10 -49.15 15.05
C ARG A 46 2.95 -50.10 16.22
N ALA A 47 4.04 -50.37 16.94
CA ALA A 47 4.05 -51.25 18.09
C ALA A 47 4.29 -50.42 19.34
N PRO A 48 3.81 -50.88 20.49
CA PRO A 48 4.11 -50.16 21.74
C PRO A 48 5.60 -50.08 21.99
N VAL A 49 6.02 -48.97 22.57
CA VAL A 49 7.42 -48.73 22.90
C VAL A 49 7.68 -49.29 24.29
N ARG A 50 8.62 -50.23 24.39
CA ARG A 50 8.86 -50.89 25.67
C ARG A 50 9.57 -49.98 26.66
N ALA A 51 10.82 -49.64 26.37
CA ALA A 51 11.62 -48.77 27.22
C ALA A 51 11.74 -47.41 26.56
N PHE A 52 11.40 -46.36 27.32
CA PHE A 52 11.37 -45.02 26.73
C PHE A 52 12.76 -44.49 26.46
N LEU A 53 13.67 -44.62 27.43
CA LEU A 53 14.97 -43.95 27.33
C LEU A 53 15.86 -44.48 26.21
N PRO A 54 16.05 -45.80 26.03
CA PRO A 54 16.84 -46.25 24.87
C PRO A 54 16.22 -45.87 23.53
N ALA A 55 14.89 -45.98 23.42
CA ALA A 55 14.22 -45.57 22.19
C ALA A 55 14.43 -44.09 21.93
N LEU A 56 14.40 -43.29 22.99
CA LEU A 56 14.70 -41.86 22.88
C LEU A 56 16.12 -41.66 22.37
N LYS A 57 17.06 -42.45 22.87
CA LYS A 57 18.44 -42.36 22.39
C LYS A 57 18.59 -42.83 20.94
N LYS A 58 17.64 -43.61 20.43
CA LYS A 58 17.74 -44.14 19.07
C LYS A 58 17.23 -43.19 17.99
N VAL A 59 16.49 -42.14 18.35
CA VAL A 59 15.76 -41.33 17.37
C VAL A 59 16.40 -39.95 17.24
N ALA A 60 16.55 -39.49 16.01
CA ALA A 60 17.03 -38.16 15.70
C ALA A 60 16.16 -37.53 14.62
N LEU A 61 16.03 -36.21 14.68
CA LEU A 61 15.21 -35.45 13.74
C LEU A 61 16.11 -34.61 12.84
N THR A 62 15.70 -34.48 11.58
CA THR A 62 16.39 -33.66 10.60
C THR A 62 15.38 -32.73 9.93
N ALA A 63 15.72 -31.46 9.86
CA ALA A 63 14.89 -30.46 9.18
C ALA A 63 15.64 -29.96 7.95
N GLN A 64 15.02 -30.06 6.79
CA GLN A 64 15.64 -29.68 5.53
C GLN A 64 14.76 -28.68 4.80
N THR A 65 15.39 -27.69 4.19
CA THR A 65 14.72 -26.79 3.27
C THR A 65 15.58 -26.60 2.03
N GLY A 66 14.94 -26.40 0.89
CA GLY A 66 15.64 -26.14 -0.35
C GLY A 66 15.98 -27.41 -1.13
N GLU A 67 16.43 -27.19 -2.37
CA GLU A 67 16.78 -28.31 -3.23
C GLU A 67 18.15 -28.88 -2.90
N GLN A 68 19.04 -28.07 -2.34
CA GLN A 68 20.39 -28.51 -1.96
C GLN A 68 20.65 -28.17 -0.51
N PRO A 69 19.98 -28.84 0.43
CA PRO A 69 20.13 -28.48 1.84
C PRO A 69 21.49 -28.89 2.39
N SER A 70 22.06 -28.02 3.22
CA SER A 70 23.36 -28.25 3.84
C SER A 70 23.41 -27.53 5.17
N LYS A 71 24.31 -27.98 6.04
CA LYS A 71 24.43 -27.37 7.36
C LYS A 71 25.12 -26.00 7.30
N ILE A 72 26.05 -25.81 6.36
CA ILE A 72 26.75 -24.54 6.26
C ILE A 72 25.83 -23.45 5.74
N ASN A 73 24.87 -23.81 4.88
CA ASN A 73 23.85 -22.89 4.41
C ASN A 73 22.78 -22.64 5.47
N ARG A 74 22.83 -23.38 6.58
CA ARG A 74 21.80 -23.38 7.62
C ARG A 74 20.46 -23.84 7.07
N THR A 75 20.49 -24.61 5.99
CA THR A 75 19.29 -25.17 5.39
C THR A 75 19.03 -26.61 5.82
N GLN A 76 19.89 -27.18 6.64
CA GLN A 76 19.70 -28.52 7.16
C GLN A 76 20.20 -28.57 8.59
N ALA A 77 19.38 -29.11 9.49
CA ALA A 77 19.73 -29.22 10.90
C ALA A 77 19.31 -30.59 11.42
N THR A 78 20.21 -31.26 12.13
CA THR A 78 19.90 -32.58 12.76
C THR A 78 19.96 -32.39 14.27
N PHE A 79 18.92 -32.81 14.96
CA PHE A 79 18.84 -32.61 16.41
C PHE A 79 18.28 -33.87 17.05
N PRO A 80 18.65 -34.17 18.30
CA PRO A 80 18.07 -35.29 19.01
C PRO A 80 16.76 -34.94 19.72
N ILE A 81 16.04 -35.93 20.18
CA ILE A 81 14.86 -35.68 21.00
C ILE A 81 15.28 -35.87 22.45
N SER A 82 15.52 -34.77 23.14
CA SER A 82 15.90 -34.81 24.55
C SER A 82 15.60 -33.46 25.18
N SER A 83 15.54 -33.45 26.51
CA SER A 83 15.26 -32.22 27.23
C SER A 83 16.49 -31.32 27.34
N LEU A 84 17.63 -31.74 26.79
CA LEU A 84 18.87 -30.92 26.86
C LEU A 84 19.14 -30.31 25.48
N GLY A 85 18.12 -30.26 24.65
CA GLY A 85 18.26 -29.60 23.34
C GLY A 85 18.34 -28.11 23.53
N ASP A 86 18.95 -27.40 22.58
CA ASP A 86 18.93 -25.93 22.76
C ASP A 86 17.57 -25.43 22.26
N ARG A 87 16.74 -24.93 23.15
CA ARG A 87 15.40 -24.39 22.84
C ARG A 87 15.55 -23.18 21.92
N LYS A 88 16.58 -22.37 22.07
CA LYS A 88 16.87 -21.24 21.15
C LYS A 88 17.15 -21.75 19.74
N TRP A 89 17.85 -22.87 19.57
CA TRP A 89 18.16 -23.51 18.25
C TRP A 89 17.10 -24.53 17.82
N TRP A 90 17.39 -25.37 16.83
CA TRP A 90 16.49 -26.50 16.52
C TRP A 90 16.55 -27.47 17.69
N SER A 91 15.41 -27.89 18.21
CA SER A 91 15.36 -28.81 19.37
C SER A 91 14.03 -29.55 19.39
N ALA A 92 13.98 -30.72 20.01
CA ALA A 92 12.73 -31.50 20.20
C ALA A 92 12.74 -32.06 21.62
N VAL A 93 11.59 -32.09 22.26
CA VAL A 93 11.47 -32.69 23.61
C VAL A 93 10.14 -33.42 23.65
N VAL A 94 10.09 -34.55 24.33
CA VAL A 94 8.83 -35.25 24.55
C VAL A 94 8.13 -34.65 25.76
N GLU A 95 6.93 -34.10 25.55
CA GLU A 95 6.17 -33.46 26.61
C GLU A 95 5.10 -34.36 27.20
N GLU A 96 4.48 -35.20 26.37
CA GLU A 96 3.58 -36.24 26.83
C GLU A 96 3.88 -37.49 26.02
N ARG A 97 3.75 -38.65 26.66
CA ARG A 97 4.00 -39.89 25.95
C ARG A 97 3.04 -40.97 26.42
N ASP A 98 2.81 -41.92 25.53
CA ASP A 98 2.09 -43.15 25.85
C ASP A 98 2.95 -44.32 25.42
N ALA A 99 2.37 -45.51 25.48
CA ALA A 99 3.04 -46.68 24.95
C ALA A 99 3.21 -46.57 23.44
N GLN A 100 2.30 -45.85 22.78
CA GLN A 100 2.24 -45.83 21.33
C GLN A 100 2.36 -44.44 20.72
N SER A 101 2.51 -43.38 21.52
CA SER A 101 2.55 -42.05 20.94
C SER A 101 3.41 -41.13 21.80
N TRP A 102 4.22 -40.32 21.12
CA TRP A 102 5.02 -39.27 21.75
C TRP A 102 4.52 -37.91 21.30
N THR A 103 4.22 -37.05 22.25
CA THR A 103 3.90 -35.66 21.97
C THR A 103 5.16 -34.83 22.05
N ILE A 104 5.68 -34.39 20.90
CA ILE A 104 7.01 -33.70 20.84
C ILE A 104 6.91 -32.20 20.57
N SER A 105 7.51 -31.39 21.45
CA SER A 105 7.60 -29.93 21.24
C SER A 105 8.85 -29.70 20.42
N VAL A 106 8.71 -29.00 19.32
CA VAL A 106 9.83 -28.78 18.38
C VAL A 106 10.04 -27.28 18.32
N THR A 107 11.29 -26.85 18.42
CA THR A 107 11.60 -25.41 18.42
C THR A 107 12.51 -25.15 17.24
N THR A 108 12.35 -23.99 16.62
CA THR A 108 13.21 -23.56 15.50
C THR A 108 13.98 -22.33 15.98
N PRO A 109 15.15 -22.00 15.42
CA PRO A 109 15.90 -20.81 15.83
C PRO A 109 15.21 -19.53 15.37
N ALA A 110 15.41 -18.47 16.16
CA ALA A 110 14.82 -17.17 15.83
C ALA A 110 15.37 -16.58 14.55
N ASP A 111 16.50 -17.08 14.05
CA ASP A 111 17.08 -16.62 12.80
C ASP A 111 17.15 -17.75 11.78
N ALA A 112 16.14 -18.61 11.74
CA ALA A 112 16.09 -19.69 10.77
C ALA A 112 15.78 -19.17 9.38
N VAL A 113 16.23 -19.91 8.37
CA VAL A 113 15.88 -19.62 6.98
C VAL A 113 14.41 -19.94 6.77
N ILE A 114 13.69 -19.02 6.10
CA ILE A 114 12.27 -19.24 5.84
C ILE A 114 12.11 -20.14 4.62
N GLY A 115 10.91 -20.68 4.45
CA GLY A 115 10.55 -21.43 3.28
C GLY A 115 9.89 -22.74 3.65
N HIS A 116 9.82 -23.64 2.67
CA HIS A 116 9.21 -24.95 2.86
C HIS A 116 10.23 -25.92 3.46
N TYR A 117 9.83 -26.59 4.53
CA TYR A 117 10.71 -27.53 5.21
C TYR A 117 10.15 -28.94 5.16
N SER A 118 11.06 -29.90 5.12
CA SER A 118 10.74 -31.30 5.37
C SER A 118 11.26 -31.70 6.74
N LEU A 119 10.41 -32.33 7.54
CA LEU A 119 10.81 -32.90 8.82
C LEU A 119 11.05 -34.38 8.63
N LEU A 120 12.22 -34.85 9.02
CA LEU A 120 12.65 -36.22 8.79
C LEU A 120 13.11 -36.86 10.10
N LEU A 121 12.76 -38.12 10.27
CA LEU A 121 13.10 -38.88 11.46
C LEU A 121 14.10 -39.97 11.09
N GLN A 122 15.21 -40.03 11.81
CA GLN A 122 16.21 -41.06 11.63
C GLN A 122 16.19 -41.97 12.85
N VAL A 123 16.04 -43.25 12.62
CA VAL A 123 16.29 -44.25 13.64
C VAL A 123 17.63 -44.91 13.35
N SER A 124 18.43 -45.08 14.39
CA SER A 124 19.76 -45.66 14.25
C SER A 124 19.68 -47.03 13.61
N GLY A 125 20.54 -47.26 12.61
CA GLY A 125 20.50 -48.48 11.85
C GLY A 125 19.23 -48.63 11.03
N ARG A 126 18.70 -47.52 10.52
CA ARG A 126 17.48 -47.55 9.71
C ARG A 126 17.51 -46.34 8.78
N LYS A 127 16.75 -46.44 7.70
CA LYS A 127 16.71 -45.37 6.71
C LYS A 127 15.93 -44.18 7.24
N GLN A 128 16.21 -43.01 6.68
CA GLN A 128 15.49 -41.79 7.03
C GLN A 128 14.04 -41.87 6.59
N LEU A 129 13.14 -41.31 7.39
CA LEU A 129 11.70 -41.36 7.12
C LEU A 129 11.14 -39.95 7.12
N LEU A 130 10.38 -39.61 6.09
CA LEU A 130 9.73 -38.31 6.02
C LEU A 130 8.48 -38.31 6.90
N LEU A 131 8.41 -37.35 7.82
CA LEU A 131 7.27 -37.24 8.72
C LEU A 131 6.21 -36.29 8.18
N GLY A 132 6.61 -35.30 7.40
CA GLY A 132 5.68 -34.36 6.83
C GLY A 132 6.40 -33.09 6.41
N GLN A 133 5.59 -32.12 6.00
CA GLN A 133 6.10 -30.85 5.53
C GLN A 133 5.54 -29.73 6.39
N PHE A 134 6.29 -28.63 6.47
CA PHE A 134 5.80 -27.43 7.10
C PHE A 134 6.51 -26.25 6.45
N THR A 135 5.87 -25.08 6.55
CA THR A 135 6.44 -23.84 6.06
C THR A 135 6.80 -22.97 7.25
N LEU A 136 7.99 -22.39 7.23
CA LEU A 136 8.50 -21.59 8.31
C LEU A 136 8.54 -20.12 7.90
N LEU A 137 7.97 -19.26 8.74
CA LEU A 137 7.78 -17.86 8.42
C LEU A 137 8.47 -16.99 9.47
N PHE A 138 8.64 -15.70 9.14
CA PHE A 138 9.13 -14.73 10.10
C PHE A 138 8.13 -14.56 11.24
N ASN A 139 8.64 -14.27 12.43
CA ASN A 139 7.84 -14.24 13.65
C ASN A 139 7.87 -12.86 14.29
N PRO A 140 6.93 -11.98 13.94
CA PRO A 140 6.84 -10.68 14.63
C PRO A 140 6.46 -10.78 16.10
N TRP A 141 5.97 -11.92 16.58
CA TRP A 141 5.67 -12.12 17.99
C TRP A 141 6.88 -12.49 18.82
N ASN A 142 7.99 -12.86 18.19
CA ASN A 142 9.16 -13.36 18.89
C ASN A 142 10.14 -12.21 19.16
N ARG A 143 10.47 -12.01 20.44
CA ARG A 143 11.29 -10.86 20.81
C ARG A 143 12.68 -10.93 20.20
N GLU A 144 13.21 -12.13 19.97
CA GLU A 144 14.52 -12.27 19.37
C GLU A 144 14.51 -12.15 17.86
N ASP A 145 13.34 -12.10 17.22
CA ASP A 145 13.26 -12.01 15.77
C ASP A 145 13.52 -10.60 15.29
N ALA A 146 14.11 -10.49 14.10
CA ALA A 146 14.38 -9.19 13.51
C ALA A 146 13.12 -8.43 13.13
N VAL A 147 12.00 -9.10 12.93
CA VAL A 147 10.75 -8.44 12.54
C VAL A 147 9.84 -8.22 13.76
N PHE A 148 10.39 -8.31 14.97
CA PHE A 148 9.60 -8.23 16.18
C PHE A 148 8.88 -6.89 16.31
N LEU A 149 7.59 -6.95 16.63
CA LEU A 149 6.75 -5.79 16.88
C LEU A 149 6.36 -5.77 18.35
N LYS A 150 6.43 -4.59 18.97
CA LYS A 150 6.16 -4.47 20.40
C LYS A 150 4.68 -4.70 20.71
N ASN A 151 3.78 -4.08 19.98
CA ASN A 151 2.36 -4.09 20.28
C ASN A 151 1.65 -5.25 19.61
N GLU A 152 0.69 -5.84 20.32
CA GLU A 152 -0.19 -6.81 19.71
C GLU A 152 -1.11 -6.17 18.68
N ALA A 153 -1.57 -4.94 18.96
CA ALA A 153 -2.42 -4.23 18.00
C ALA A 153 -1.68 -3.98 16.69
N GLN A 154 -0.40 -3.63 16.78
CA GLN A 154 0.37 -3.41 15.56
C GLN A 154 0.61 -4.71 14.81
N ARG A 155 0.80 -5.82 15.53
CA ARG A 155 0.92 -7.11 14.85
C ARG A 155 -0.37 -7.47 14.13
N MET A 156 -1.52 -7.22 14.77
CA MET A 156 -2.80 -7.50 14.14
C MET A 156 -3.02 -6.61 12.92
N GLU A 157 -2.59 -5.35 13.00
CA GLU A 157 -2.82 -4.44 11.88
C GLU A 157 -1.85 -4.70 10.72
N TYR A 158 -0.56 -4.81 11.00
CA TYR A 158 0.45 -4.86 9.96
C TYR A 158 0.81 -6.27 9.53
N LEU A 159 0.28 -7.30 10.18
CA LEU A 159 0.50 -8.65 9.67
C LEU A 159 -0.81 -9.40 9.41
N LEU A 160 -1.72 -9.38 10.40
CA LEU A 160 -2.87 -10.27 10.36
C LEU A 160 -4.05 -9.69 9.60
N ASN A 161 -4.14 -8.36 9.49
CA ASN A 161 -5.30 -7.75 8.88
C ASN A 161 -5.24 -7.91 7.37
N GLN A 162 -6.26 -8.56 6.81
CA GLN A 162 -6.37 -8.74 5.37
C GLN A 162 -7.20 -7.65 4.70
N ASN A 163 -7.91 -6.83 5.46
CA ASN A 163 -8.73 -5.75 4.94
C ASN A 163 -7.95 -4.44 5.06
N GLY A 164 -7.38 -4.00 3.96
CA GLY A 164 -6.60 -2.78 3.99
C GLY A 164 -7.35 -1.58 3.45
N LEU A 165 -6.73 -0.42 3.63
CA LEU A 165 -7.20 0.82 3.04
C LEU A 165 -6.04 1.48 2.34
N ILE A 166 -6.19 1.73 1.04
CA ILE A 166 -5.22 2.47 0.26
C ILE A 166 -5.80 3.86 0.03
N TYR A 167 -5.06 4.88 0.41
CA TYR A 167 -5.53 6.25 0.30
C TYR A 167 -5.11 6.81 -1.05
N LEU A 168 -6.08 7.28 -1.81
CA LEU A 168 -5.89 7.91 -3.10
C LEU A 168 -6.48 9.31 -3.05
N GLY A 169 -6.55 9.96 -4.21
CA GLY A 169 -7.11 11.28 -4.28
C GLY A 169 -6.06 12.37 -4.26
N THR A 170 -6.41 13.53 -3.72
CA THR A 170 -5.48 14.62 -3.54
C THR A 170 -5.23 14.82 -2.04
N ALA A 171 -4.26 15.67 -1.73
CA ALA A 171 -3.93 15.95 -0.34
C ALA A 171 -5.12 16.55 0.40
N ASP A 172 -5.85 17.44 -0.26
CA ASP A 172 -6.96 18.14 0.35
C ASP A 172 -8.29 17.43 0.18
N CYS A 173 -8.33 16.33 -0.57
CA CYS A 173 -9.51 15.46 -0.65
C CYS A 173 -8.99 14.03 -0.76
N ILE A 174 -8.81 13.38 0.38
CA ILE A 174 -8.22 12.04 0.42
C ILE A 174 -9.34 11.01 0.34
N GLN A 175 -9.28 10.16 -0.68
CA GLN A 175 -10.30 9.15 -0.93
C GLN A 175 -9.75 7.77 -0.56
N ALA A 176 -10.29 7.18 0.48
CA ALA A 176 -9.86 5.89 0.97
C ALA A 176 -10.52 4.77 0.18
N GLU A 177 -9.71 3.91 -0.42
CA GLU A 177 -10.18 2.78 -1.19
C GLU A 177 -10.02 1.50 -0.36
N SER A 178 -11.12 0.77 -0.19
CA SER A 178 -11.04 -0.54 0.44
C SER A 178 -10.21 -1.48 -0.44
N TRP A 179 -9.30 -2.22 0.20
CA TRP A 179 -8.37 -3.07 -0.51
C TRP A 179 -8.23 -4.38 0.24
N ASP A 180 -8.36 -5.49 -0.47
CA ASP A 180 -8.19 -6.81 0.09
C ASP A 180 -6.75 -7.24 -0.17
N PHE A 181 -5.91 -7.18 0.86
CA PHE A 181 -4.54 -7.64 0.71
C PHE A 181 -4.48 -9.14 0.42
N GLY A 182 -5.30 -9.91 1.14
CA GLY A 182 -5.41 -11.34 0.90
C GLY A 182 -4.12 -12.12 1.09
N GLN A 183 -3.29 -11.71 2.05
CA GLN A 183 -2.02 -12.38 2.25
C GLN A 183 -2.18 -13.81 2.75
N PHE A 184 -3.32 -14.14 3.35
CA PHE A 184 -3.58 -15.48 3.81
C PHE A 184 -4.50 -16.25 2.87
N GLU A 185 -4.72 -15.76 1.66
CA GLU A 185 -5.29 -16.56 0.61
C GLU A 185 -4.41 -17.77 0.35
N GLY A 186 -5.03 -18.89 0.02
CA GLY A 186 -4.39 -20.19 0.17
C GLY A 186 -3.09 -20.34 -0.60
N ASP A 187 -3.00 -19.72 -1.77
CA ASP A 187 -1.85 -19.88 -2.64
C ASP A 187 -0.88 -18.71 -2.61
N VAL A 188 -1.11 -17.68 -1.78
CA VAL A 188 -0.23 -16.52 -1.78
C VAL A 188 1.13 -16.86 -1.21
N ILE A 189 1.19 -17.67 -0.16
CA ILE A 189 2.47 -18.05 0.43
C ILE A 189 3.32 -18.84 -0.57
N ASP A 190 2.70 -19.77 -1.30
CA ASP A 190 3.42 -20.54 -2.30
C ASP A 190 3.92 -19.66 -3.42
N LEU A 191 3.08 -18.73 -3.89
CA LEU A 191 3.49 -17.79 -4.93
C LEU A 191 4.65 -16.91 -4.47
N SER A 192 4.59 -16.44 -3.22
CA SER A 192 5.66 -15.60 -2.68
C SER A 192 6.96 -16.37 -2.59
N LEU A 193 6.92 -17.60 -2.09
CA LEU A 193 8.15 -18.38 -1.94
C LEU A 193 8.71 -18.78 -3.30
N ARG A 194 7.84 -19.05 -4.27
CA ARG A 194 8.32 -19.37 -5.60
C ARG A 194 8.95 -18.15 -6.27
N LEU A 195 8.40 -16.96 -6.01
CA LEU A 195 9.03 -15.74 -6.49
C LEU A 195 10.38 -15.53 -5.82
N LEU A 196 10.46 -15.80 -4.51
CA LEU A 196 11.71 -15.67 -3.79
C LEU A 196 12.77 -16.66 -4.29
N SER A 197 12.34 -17.80 -4.81
CA SER A 197 13.29 -18.83 -5.24
C SER A 197 14.10 -18.39 -6.46
N LYS A 198 13.73 -17.26 -7.08
CA LYS A 198 14.54 -16.71 -8.16
C LYS A 198 15.90 -16.24 -7.66
N ASP A 199 15.95 -15.72 -6.43
CA ASP A 199 17.21 -15.36 -5.79
C ASP A 199 17.92 -16.61 -5.29
N LYS A 200 19.22 -16.67 -5.49
CA LYS A 200 19.99 -17.89 -5.27
C LYS A 200 20.81 -17.87 -3.99
N GLN A 201 20.62 -16.88 -3.13
CA GLN A 201 21.39 -16.78 -1.88
C GLN A 201 20.50 -17.19 -0.70
N VAL A 202 20.21 -18.49 -0.64
CA VAL A 202 19.20 -19.00 0.29
C VAL A 202 19.68 -18.91 1.73
N GLU A 203 21.00 -18.85 1.95
CA GLU A 203 21.49 -18.63 3.30
C GLU A 203 21.10 -17.25 3.83
N LYS A 204 20.84 -16.30 2.95
CA LYS A 204 20.39 -14.97 3.33
C LYS A 204 18.88 -14.89 3.49
N TRP A 205 18.14 -15.99 3.33
CA TRP A 205 16.68 -15.94 3.46
C TRP A 205 16.26 -15.90 4.93
N SER A 206 17.22 -16.04 5.83
CA SER A 206 16.95 -15.80 7.24
C SER A 206 16.87 -14.31 7.55
N GLN A 207 17.38 -13.46 6.67
CA GLN A 207 17.45 -12.03 6.91
C GLN A 207 16.25 -11.33 6.30
N PRO A 208 15.41 -10.68 7.10
CA PRO A 208 14.26 -9.94 6.53
C PRO A 208 14.66 -8.84 5.58
N VAL A 209 15.81 -8.19 5.79
CA VAL A 209 16.25 -7.13 4.89
C VAL A 209 16.49 -7.68 3.49
N HIS A 210 17.23 -8.78 3.39
CA HIS A 210 17.52 -9.38 2.09
C HIS A 210 16.25 -9.87 1.40
N VAL A 211 15.28 -10.38 2.14
CA VAL A 211 14.04 -10.94 1.51
C VAL A 211 13.20 -9.80 0.97
N ALA A 212 13.01 -8.75 1.75
CA ALA A 212 12.22 -7.58 1.32
C ALA A 212 12.90 -6.93 0.12
N ARG A 213 14.23 -6.84 0.12
CA ARG A 213 14.99 -6.23 -0.99
C ARG A 213 14.84 -7.06 -2.27
N VAL A 214 14.92 -8.38 -2.15
CA VAL A 214 14.76 -9.28 -3.29
C VAL A 214 13.34 -9.24 -3.82
N LEU A 215 12.34 -9.40 -2.95
CA LEU A 215 10.92 -9.41 -3.39
C LEU A 215 10.52 -8.10 -4.03
N GLY A 216 10.99 -6.96 -3.50
CA GLY A 216 10.73 -5.63 -4.05
C GLY A 216 11.29 -5.41 -5.42
N ALA A 217 12.49 -5.91 -5.69
CA ALA A 217 13.12 -5.83 -7.02
C ALA A 217 12.38 -6.74 -7.98
N LEU A 218 11.99 -7.91 -7.49
CA LEU A 218 11.27 -8.83 -8.38
C LEU A 218 9.87 -8.32 -8.69
N LEU A 219 9.18 -7.78 -7.70
CA LEU A 219 7.82 -7.29 -7.92
C LEU A 219 7.82 -6.04 -8.78
N HIS A 220 8.83 -5.18 -8.65
CA HIS A 220 8.93 -4.04 -9.54
C HIS A 220 9.22 -4.48 -10.97
N PHE A 221 10.07 -5.50 -11.13
CA PHE A 221 10.32 -6.04 -12.46
C PHE A 221 9.05 -6.60 -13.08
N LEU A 222 8.26 -7.32 -12.27
CA LEU A 222 6.99 -7.86 -12.76
C LEU A 222 6.01 -6.75 -13.08
N LYS A 223 6.00 -5.67 -12.30
CA LYS A 223 5.14 -4.53 -12.61
C LYS A 223 5.51 -3.92 -13.95
N GLU A 224 6.82 -3.76 -14.21
CA GLU A 224 7.24 -3.21 -15.49
C GLU A 224 6.91 -4.14 -16.65
N GLN A 225 6.98 -5.46 -16.41
CA GLN A 225 6.69 -6.42 -17.47
C GLN A 225 5.20 -6.59 -17.75
N ARG A 226 4.34 -6.44 -16.74
CA ARG A 226 2.95 -6.86 -16.85
C ARG A 226 1.95 -5.73 -16.96
N VAL A 227 2.20 -4.58 -16.34
CA VAL A 227 1.23 -3.50 -16.37
C VAL A 227 1.20 -2.91 -17.78
N LEU A 228 0.01 -2.84 -18.35
CA LEU A 228 -0.14 -2.46 -19.74
C LEU A 228 -0.50 -0.97 -19.86
N PRO A 229 -0.15 -0.35 -20.98
CA PRO A 229 -0.67 1.00 -21.25
C PRO A 229 -2.17 0.98 -21.46
N THR A 230 -2.81 2.10 -21.14
CA THR A 230 -4.24 2.24 -21.30
C THR A 230 -4.61 2.65 -22.73
N LEU A 241 -14.45 -3.92 -16.73
CA LEU A 241 -13.81 -2.62 -16.60
C LEU A 241 -12.30 -2.76 -16.43
N LEU A 242 -11.57 -1.87 -17.10
CA LEU A 242 -10.11 -1.88 -17.00
C LEU A 242 -9.64 -1.50 -15.60
N ASN A 243 -10.42 -0.71 -14.87
CA ASN A 243 -10.01 -0.22 -13.56
C ASN A 243 -10.73 -0.92 -12.42
N LYS A 244 -11.43 -2.01 -12.69
CA LYS A 244 -12.05 -2.78 -11.62
C LYS A 244 -10.99 -3.62 -10.92
N ARG A 245 -10.84 -3.41 -9.62
CA ARG A 245 -9.84 -4.11 -8.83
C ARG A 245 -10.51 -4.96 -7.76
N ARG A 246 -9.86 -6.07 -7.43
CA ARG A 246 -10.34 -7.00 -6.42
C ARG A 246 -9.22 -7.37 -5.47
N GLY A 247 -8.33 -6.42 -5.20
CA GLY A 247 -7.25 -6.63 -4.25
C GLY A 247 -5.95 -7.07 -4.89
N SER A 248 -4.99 -7.37 -4.00
CA SER A 248 -3.63 -7.69 -4.44
C SER A 248 -3.51 -9.08 -5.05
N VAL A 249 -4.30 -10.04 -4.56
CA VAL A 249 -4.09 -11.44 -4.93
C VAL A 249 -4.32 -11.71 -6.41
N PRO A 250 -5.41 -11.25 -7.05
CA PRO A 250 -5.52 -11.45 -8.50
C PRO A 250 -4.39 -10.78 -9.28
N ILE A 251 -3.92 -9.63 -8.82
CA ILE A 251 -2.81 -8.95 -9.49
C ILE A 251 -1.53 -9.77 -9.39
N LEU A 252 -1.25 -10.30 -8.20
CA LEU A 252 -0.07 -11.14 -8.02
C LEU A 252 -0.15 -12.40 -8.87
N ARG A 253 -1.33 -13.02 -8.92
CA ARG A 253 -1.53 -14.19 -9.75
C ARG A 253 -1.29 -13.88 -11.22
N GLN A 254 -1.80 -12.74 -11.68
CA GLN A 254 -1.63 -12.39 -13.10
C GLN A 254 -0.19 -11.99 -13.39
N TRP A 255 0.50 -11.40 -12.43
CA TRP A 255 1.89 -11.02 -12.64
C TRP A 255 2.80 -12.24 -12.69
N LEU A 256 2.53 -13.24 -11.85
CA LEU A 256 3.38 -14.41 -11.82
C LEU A 256 3.03 -15.42 -12.92
N THR A 257 1.76 -15.53 -13.28
CA THR A 257 1.32 -16.54 -14.24
C THR A 257 1.02 -15.99 -15.62
N GLY A 258 0.54 -14.75 -15.72
CA GLY A 258 0.05 -14.22 -16.97
C GLY A 258 -1.42 -14.45 -17.22
N ARG A 259 -2.08 -15.24 -16.39
CA ARG A 259 -3.50 -15.53 -16.54
C ARG A 259 -4.31 -14.62 -15.62
N GLY A 260 -5.31 -13.97 -16.17
CA GLY A 260 -6.17 -13.09 -15.43
C GLY A 260 -6.22 -11.71 -16.05
N ARG A 261 -6.90 -10.82 -15.36
CA ARG A 261 -7.06 -9.45 -15.84
C ARG A 261 -5.80 -8.65 -15.55
N PRO A 262 -5.14 -8.08 -16.56
CA PRO A 262 -3.98 -7.23 -16.29
C PRO A 262 -4.38 -5.88 -15.72
N VAL A 263 -3.45 -5.27 -15.03
CA VAL A 263 -3.60 -3.91 -14.52
C VAL A 263 -3.02 -2.96 -15.55
N TYR A 264 -3.63 -1.78 -15.68
CA TYR A 264 -3.18 -0.77 -16.63
C TYR A 264 -2.49 0.37 -15.89
N ASP A 265 -1.79 1.22 -16.67
CA ASP A 265 -0.86 2.17 -16.09
C ASP A 265 -1.53 3.21 -15.21
N GLY A 266 -2.85 3.41 -15.35
CA GLY A 266 -3.55 4.33 -14.47
C GLY A 266 -3.64 3.84 -13.05
N GLN A 267 -3.41 2.55 -12.83
CA GLN A 267 -3.38 1.97 -11.49
C GLN A 267 -2.03 1.32 -11.18
N ALA A 268 -0.93 1.87 -11.69
CA ALA A 268 0.38 1.30 -11.41
C ALA A 268 0.78 1.44 -9.94
N TRP A 269 0.02 2.23 -9.16
CA TRP A 269 0.24 2.37 -7.73
C TRP A 269 -0.09 1.11 -6.95
N VAL A 270 -0.65 0.08 -7.58
CA VAL A 270 -0.97 -1.16 -6.87
C VAL A 270 0.28 -1.96 -6.50
N LEU A 271 1.45 -1.56 -7.01
CA LEU A 271 2.68 -2.27 -6.68
C LEU A 271 2.94 -2.23 -5.18
N ALA A 272 2.67 -1.09 -4.54
CA ALA A 272 2.87 -0.99 -3.11
C ALA A 272 1.97 -1.96 -2.35
N ALA A 273 0.71 -2.09 -2.79
CA ALA A 273 -0.21 -3.02 -2.14
C ALA A 273 0.20 -4.48 -2.36
N VAL A 274 0.65 -4.81 -3.57
CA VAL A 274 1.08 -6.18 -3.85
C VAL A 274 2.31 -6.54 -3.03
N ALA A 275 3.26 -5.61 -2.93
CA ALA A 275 4.44 -5.82 -2.08
C ALA A 275 4.06 -5.97 -0.63
N CYS A 276 3.11 -5.16 -0.16
CA CYS A 276 2.62 -5.30 1.20
C CYS A 276 2.03 -6.68 1.43
N THR A 277 1.25 -7.19 0.47
CA THR A 277 0.65 -8.52 0.59
C THR A 277 1.71 -9.60 0.70
N VAL A 278 2.69 -9.62 -0.19
CA VAL A 278 3.76 -10.66 -0.19
C VAL A 278 4.54 -10.64 1.15
N LEU A 279 4.94 -9.47 1.61
CA LEU A 279 5.73 -9.31 2.85
C LEU A 279 4.92 -9.76 4.06
N ARG A 280 3.66 -9.40 4.10
CA ARG A 280 2.77 -9.75 5.22
C ARG A 280 2.58 -11.27 5.22
N CYS A 281 2.39 -11.85 4.04
CA CYS A 281 2.25 -13.30 3.98
C CYS A 281 3.53 -14.01 4.43
N LEU A 282 4.69 -13.47 4.12
CA LEU A 282 5.95 -14.09 4.58
C LEU A 282 6.25 -13.83 6.04
N GLY A 283 5.51 -12.96 6.71
CA GLY A 283 5.74 -12.65 8.10
C GLY A 283 6.48 -11.36 8.38
N ILE A 284 6.71 -10.54 7.37
CA ILE A 284 7.34 -9.22 7.62
C ILE A 284 6.24 -8.16 7.75
N PRO A 285 6.16 -7.44 8.88
CA PRO A 285 5.08 -6.45 9.06
C PRO A 285 5.27 -5.36 7.98
N ALA A 286 4.17 -5.02 7.31
CA ALA A 286 4.24 -4.07 6.19
C ALA A 286 3.00 -3.18 6.19
N ARG A 287 3.13 -1.99 5.66
CA ARG A 287 1.97 -1.07 5.52
C ARG A 287 2.07 -0.36 4.17
N VAL A 288 0.95 0.09 3.64
CA VAL A 288 0.97 0.89 2.39
C VAL A 288 0.85 2.36 2.78
N VAL A 289 1.74 3.18 2.30
CA VAL A 289 1.78 4.61 2.63
C VAL A 289 1.53 5.39 1.35
N THR A 290 0.67 6.38 1.42
CA THR A 290 0.48 7.27 0.24
C THR A 290 1.09 8.64 0.53
N THR A 291 1.89 9.14 -0.39
CA THR A 291 2.44 10.48 -0.33
C THR A 291 1.80 11.32 -1.43
N PHE A 292 1.17 12.42 -1.03
CA PHE A 292 0.52 13.32 -1.97
C PHE A 292 1.49 14.42 -2.38
N ALA A 293 1.41 14.83 -3.65
CA ALA A 293 2.33 15.79 -4.26
C ALA A 293 3.77 15.29 -4.15
N SER A 294 4.04 14.16 -4.82
CA SER A 294 5.32 13.50 -4.74
C SER A 294 6.17 13.88 -5.95
N ALA A 295 7.38 14.37 -5.70
CA ALA A 295 8.27 14.77 -6.78
C ALA A 295 9.05 13.55 -7.28
N GLN A 296 8.66 13.03 -8.43
CA GLN A 296 9.22 11.79 -8.96
C GLN A 296 10.13 12.09 -10.13
N GLY A 297 11.14 11.24 -10.32
CA GLY A 297 11.98 11.31 -11.48
C GLY A 297 12.99 12.45 -11.50
N THR A 298 13.34 13.01 -10.35
CA THR A 298 14.36 14.05 -10.33
C THR A 298 15.78 13.52 -10.26
N GLY A 299 15.96 12.29 -9.77
CA GLY A 299 17.30 11.80 -9.51
C GLY A 299 17.99 12.55 -8.39
N GLY A 300 17.27 12.82 -7.30
CA GLY A 300 17.82 13.49 -6.15
C GLY A 300 17.82 15.00 -6.24
N ARG A 301 17.64 15.56 -7.43
CA ARG A 301 17.65 17.01 -7.59
C ARG A 301 16.41 17.62 -6.93
N LEU A 302 16.61 18.76 -6.27
CA LEU A 302 15.56 19.39 -5.49
C LEU A 302 14.81 20.46 -6.28
N LEU A 303 14.76 20.35 -7.60
CA LEU A 303 14.02 21.28 -8.43
C LEU A 303 13.12 20.52 -9.39
N ILE A 304 11.89 21.01 -9.54
CA ILE A 304 10.93 20.53 -10.52
C ILE A 304 10.62 21.69 -11.46
N ASP A 305 10.78 21.46 -12.76
CA ASP A 305 10.48 22.48 -13.76
C ASP A 305 9.13 22.17 -14.40
N GLU A 306 8.20 23.10 -14.30
CA GLU A 306 6.87 22.97 -14.89
C GLU A 306 6.73 24.00 -16.00
N TYR A 307 6.10 23.61 -17.10
CA TYR A 307 6.00 24.44 -18.29
C TYR A 307 4.53 24.60 -18.66
N TYR A 308 4.11 25.84 -18.86
CA TYR A 308 2.74 26.17 -19.19
C TYR A 308 2.74 27.14 -20.36
N ASN A 309 1.72 27.03 -21.21
CA ASN A 309 1.60 27.95 -22.32
C ASN A 309 0.88 29.22 -21.88
N GLU A 310 0.58 30.08 -22.85
CA GLU A 310 -0.04 31.38 -22.56
C GLU A 310 -1.43 31.24 -21.95
N GLU A 311 -2.04 30.06 -22.04
CA GLU A 311 -3.38 29.83 -21.52
C GLU A 311 -3.39 29.14 -20.16
N GLY A 312 -2.22 29.03 -19.51
CA GLY A 312 -2.15 28.28 -18.27
C GLY A 312 -2.39 26.81 -18.45
N LEU A 313 -1.92 26.25 -19.57
CA LEU A 313 -2.09 24.85 -19.88
C LEU A 313 -0.76 24.28 -20.34
N GLN A 314 -0.59 22.97 -20.15
CA GLN A 314 0.65 22.30 -20.51
C GLN A 314 0.48 21.61 -21.86
N ASN A 315 1.37 21.91 -22.79
CA ASN A 315 1.21 21.45 -24.16
C ASN A 315 1.52 19.96 -24.29
N GLY A 316 2.57 19.49 -23.62
CA GLY A 316 3.05 18.15 -23.81
C GLY A 316 2.48 17.16 -22.83
N GLU A 317 3.04 15.94 -22.88
CA GLU A 317 2.68 14.92 -21.91
C GLU A 317 3.29 15.21 -20.54
N GLY A 318 4.43 15.90 -20.52
CA GLY A 318 5.06 16.27 -19.28
C GLY A 318 6.55 16.06 -19.34
N GLN A 319 7.22 16.60 -18.33
CA GLN A 319 8.65 16.38 -18.18
C GLN A 319 8.92 15.01 -17.57
N ARG A 320 10.19 14.61 -17.58
CA ARG A 320 10.60 13.41 -16.87
C ARG A 320 10.45 13.60 -15.36
N GLY A 321 10.90 14.74 -14.84
CA GLY A 321 10.70 15.08 -13.45
C GLY A 321 9.36 15.74 -13.22
N ARG A 322 8.45 15.06 -12.53
CA ARG A 322 7.09 15.54 -12.33
C ARG A 322 6.73 15.49 -10.85
N ILE A 323 5.75 16.30 -10.47
CA ILE A 323 5.12 16.20 -9.16
C ILE A 323 3.85 15.37 -9.35
N TRP A 324 3.86 14.16 -8.83
CA TRP A 324 2.72 13.28 -8.94
C TRP A 324 1.64 13.69 -7.95
N ILE A 325 0.38 13.53 -8.33
CA ILE A 325 -0.71 13.88 -7.42
C ILE A 325 -0.65 13.03 -6.15
N PHE A 326 -0.40 11.73 -6.32
CA PHE A 326 -0.03 10.87 -5.20
C PHE A 326 0.91 9.81 -5.72
N GLN A 327 1.64 9.20 -4.79
CA GLN A 327 2.47 8.05 -5.10
C GLN A 327 2.39 7.01 -3.99
N SER A 329 3.76 3.79 -2.02
CA SER A 329 4.94 3.22 -1.30
C SER A 329 4.64 2.09 -0.28
N THR A 330 5.55 1.15 -0.18
CA THR A 330 5.44 0.06 0.83
C THR A 330 6.45 0.30 1.95
N GLU A 331 5.98 0.27 3.19
CA GLU A 331 6.84 0.42 4.38
C GLU A 331 6.86 -0.93 5.06
N CYS A 332 8.03 -1.38 5.49
CA CYS A 332 8.20 -2.71 6.15
C CYS A 332 8.95 -2.54 7.47
N TRP A 333 8.63 -3.34 8.46
CA TRP A 333 9.19 -3.24 9.83
C TRP A 333 10.24 -4.33 10.08
N MET A 334 11.42 -3.93 10.54
CA MET A 334 12.52 -4.86 10.83
C MET A 334 13.67 -4.10 11.47
N THR A 335 14.58 -4.84 12.10
CA THR A 335 15.84 -4.27 12.53
C THR A 335 16.77 -4.10 11.34
N ARG A 336 17.80 -3.29 11.53
CA ARG A 336 18.81 -3.04 10.49
C ARG A 336 20.18 -3.34 11.09
N PRO A 337 20.55 -4.62 11.18
CA PRO A 337 21.84 -4.98 11.79
C PRO A 337 23.05 -4.44 11.06
N ALA A 338 23.01 -4.35 9.73
CA ALA A 338 24.19 -3.95 8.97
C ALA A 338 24.32 -2.43 8.84
N LEU A 339 23.43 -1.67 9.43
CA LEU A 339 23.50 -0.23 9.48
C LEU A 339 24.07 0.22 10.81
N PRO A 340 24.45 1.50 10.93
CA PRO A 340 24.74 2.05 12.26
C PRO A 340 23.52 1.95 13.16
N GLN A 341 23.78 2.01 14.47
CA GLN A 341 22.73 1.81 15.44
C GLN A 341 21.68 2.92 15.34
N GLY A 342 20.43 2.56 15.64
CA GLY A 342 19.34 3.52 15.69
C GLY A 342 18.44 3.55 14.48
N TYR A 343 18.63 2.68 13.49
CA TYR A 343 17.80 2.68 12.29
C TYR A 343 16.82 1.51 12.25
N ASP A 344 16.51 0.90 13.38
CA ASP A 344 15.46 -0.09 13.43
C ASP A 344 14.09 0.58 13.29
N GLY A 345 13.14 -0.20 12.81
CA GLY A 345 11.76 0.29 12.68
C GLY A 345 11.31 0.29 11.26
N TRP A 346 10.59 1.31 10.85
CA TRP A 346 9.99 1.39 9.49
C TRP A 346 11.02 1.62 8.39
N GLN A 347 10.94 0.81 7.36
CA GLN A 347 11.86 0.89 6.21
C GLN A 347 11.00 1.05 4.95
N ILE A 348 11.39 1.94 4.09
CA ILE A 348 10.68 2.12 2.82
C ILE A 348 11.35 1.24 1.77
N LEU A 349 10.56 0.43 1.06
CA LEU A 349 11.12 -0.32 -0.08
C LEU A 349 11.17 0.68 -1.20
N HIS A 350 12.34 0.89 -1.77
CA HIS A 350 12.35 1.79 -2.94
C HIS A 350 12.98 1.06 -4.11
N PRO A 351 12.19 0.77 -5.15
CA PRO A 351 12.73 0.19 -6.36
C PRO A 351 13.51 1.25 -7.12
N SER A 352 14.61 0.86 -7.72
CA SER A 352 15.35 1.79 -8.58
C SER A 352 15.22 1.25 -9.99
N ALA A 353 14.25 1.76 -10.75
CA ALA A 353 14.00 1.36 -12.14
C ALA A 353 13.88 -0.15 -12.28
N GLY A 361 15.93 -4.02 -12.25
CA GLY A 361 16.79 -3.19 -11.42
C GLY A 361 17.00 -3.73 -10.02
N SER A 362 17.43 -2.86 -9.09
CA SER A 362 17.63 -3.24 -7.66
C SER A 362 16.63 -2.54 -6.74
N CYS A 363 16.55 -2.97 -5.49
CA CYS A 363 15.65 -2.35 -4.49
C CYS A 363 16.45 -2.01 -3.25
N ASP A 364 16.26 -0.82 -2.72
CA ASP A 364 16.95 -0.40 -1.47
C ASP A 364 15.92 -0.31 -0.36
N LEU A 365 16.32 -0.71 0.84
CA LEU A 365 15.46 -0.50 2.01
C LEU A 365 16.03 0.75 2.67
N VAL A 366 15.19 1.73 2.87
CA VAL A 366 15.66 3.03 3.42
C VAL A 366 14.94 3.23 4.75
N PRO A 367 15.64 3.44 5.86
CA PRO A 367 15.01 3.76 7.12
C PRO A 367 14.31 5.13 6.97
N VAL A 368 13.15 5.27 7.56
CA VAL A 368 12.37 6.52 7.40
C VAL A 368 13.14 7.69 8.00
N ARG A 369 13.79 7.50 9.13
CA ARG A 369 14.51 8.60 9.81
C ARG A 369 15.65 9.09 8.92
N ALA A 370 16.25 8.20 8.13
CA ALA A 370 17.26 8.68 7.20
C ALA A 370 16.67 9.69 6.23
N VAL A 371 15.41 9.51 5.85
CA VAL A 371 14.75 10.48 4.99
C VAL A 371 14.44 11.75 5.76
N LYS A 372 13.96 11.62 7.00
CA LYS A 372 13.59 12.80 7.77
C LYS A 372 14.82 13.65 8.10
N GLU A 373 15.93 13.02 8.46
CA GLU A 373 17.13 13.71 8.87
C GLU A 373 18.09 13.97 7.72
N GLY A 374 17.73 13.61 6.49
CA GLY A 374 18.55 13.87 5.32
C GLY A 374 19.90 13.19 5.36
N THR A 375 19.96 11.95 5.87
CA THR A 375 21.22 11.22 5.97
C THR A 375 21.54 10.62 4.60
N LEU A 376 21.92 11.51 3.68
CA LEU A 376 22.19 11.13 2.30
C LEU A 376 23.56 10.48 2.22
N GLY A 377 23.59 9.16 2.09
CA GLY A 377 24.84 8.44 2.11
C GLY A 377 24.76 7.20 2.96
N LEU A 378 23.70 7.12 3.77
CA LEU A 378 23.44 5.90 4.52
C LEU A 378 23.07 4.76 3.57
N THR A 379 22.12 4.99 2.68
CA THR A 379 21.72 4.05 1.65
C THR A 379 21.72 4.82 0.34
N PRO A 380 21.88 4.13 -0.79
CA PRO A 380 21.90 4.84 -2.09
C PRO A 380 20.60 5.56 -2.43
N ALA A 381 19.46 5.16 -1.86
CA ALA A 381 18.19 5.74 -2.24
C ALA A 381 17.69 6.81 -1.28
N VAL A 382 18.50 7.23 -0.30
CA VAL A 382 18.06 8.30 0.60
C VAL A 382 17.87 9.59 -0.18
N SER A 383 18.75 9.85 -1.14
CA SER A 383 18.70 11.09 -1.89
C SER A 383 17.40 11.23 -2.68
N ASP A 384 17.00 10.17 -3.38
CA ASP A 384 15.78 10.24 -4.19
C ASP A 384 14.53 10.35 -3.32
N LEU A 385 14.48 9.58 -2.23
CA LEU A 385 13.32 9.65 -1.34
C LEU A 385 13.23 11.01 -0.64
N PHE A 386 14.39 11.60 -0.30
CA PHE A 386 14.41 12.95 0.25
C PHE A 386 13.92 13.97 -0.77
N ALA A 387 14.37 13.85 -2.02
CA ALA A 387 13.95 14.79 -3.05
C ALA A 387 12.47 14.68 -3.36
N ALA A 388 11.90 13.48 -3.21
CA ALA A 388 10.49 13.30 -3.53
C ALA A 388 9.58 14.10 -2.62
N ILE A 389 10.04 14.45 -1.42
CA ILE A 389 9.19 15.17 -0.47
C ILE A 389 9.82 16.49 -0.04
N ASN A 390 10.86 16.95 -0.74
CA ASN A 390 11.51 18.21 -0.39
C ASN A 390 11.84 19.09 -1.59
N ALA A 391 11.51 18.67 -2.80
CA ALA A 391 11.83 19.45 -3.98
C ALA A 391 10.98 20.72 -4.04
N SER A 392 11.46 21.69 -4.81
CA SER A 392 10.72 22.91 -5.07
C SER A 392 10.37 22.98 -6.55
N CYS A 393 9.19 23.51 -6.85
CA CYS A 393 8.68 23.61 -8.21
C CYS A 393 8.98 24.98 -8.78
N VAL A 394 9.54 25.03 -9.97
CA VAL A 394 9.77 26.31 -10.69
C VAL A 394 8.84 26.28 -11.90
N VAL A 395 8.11 27.35 -12.16
CA VAL A 395 7.14 27.38 -13.29
C VAL A 395 7.64 28.34 -14.38
N TRP A 396 7.71 27.87 -15.60
CA TRP A 396 8.20 28.66 -16.75
C TRP A 396 7.06 28.91 -17.73
N LYS A 397 6.81 30.16 -18.10
CA LYS A 397 5.81 30.42 -19.17
C LYS A 397 6.43 30.01 -20.49
N CYS A 398 5.65 29.34 -21.34
CA CYS A 398 6.08 28.99 -22.70
C CYS A 398 5.37 29.96 -23.64
N CYS A 399 6.11 30.76 -24.40
CA CYS A 399 5.55 31.78 -25.27
C CYS A 399 5.37 31.27 -26.68
N GLU A 400 4.52 31.94 -27.45
CA GLU A 400 4.40 31.63 -28.86
C GLU A 400 5.66 32.00 -29.62
N ASP A 401 6.43 32.96 -29.09
CA ASP A 401 7.73 33.29 -29.66
C ASP A 401 8.72 32.15 -29.51
N GLY A 402 8.50 31.26 -28.56
CA GLY A 402 9.45 30.21 -28.24
C GLY A 402 10.32 30.50 -27.04
N THR A 403 10.15 31.66 -26.42
CA THR A 403 10.92 32.01 -25.24
C THR A 403 10.48 31.16 -24.05
N LEU A 404 11.41 30.71 -23.22
CA LEU A 404 10.94 30.01 -21.99
C LEU A 404 11.17 30.96 -20.83
N GLU A 405 10.12 31.56 -20.25
CA GLU A 405 10.26 32.64 -19.23
C GLU A 405 9.78 32.28 -17.82
N LEU A 406 10.53 32.71 -16.81
CA LEU A 406 10.19 32.40 -15.41
C LEU A 406 8.95 33.13 -14.94
N THR A 407 8.25 32.56 -13.98
CA THR A 407 6.97 33.10 -13.52
C THR A 407 7.02 33.35 -12.02
N ASP A 408 6.41 34.43 -11.55
CA ASP A 408 6.25 34.54 -10.09
C ASP A 408 5.18 33.48 -9.81
N SER A 409 5.42 32.58 -8.88
CA SER A 409 4.50 31.44 -8.73
C SER A 409 4.15 31.22 -7.28
N ASN A 410 3.00 30.63 -7.05
CA ASN A 410 2.66 30.25 -5.66
C ASN A 410 3.61 29.11 -5.28
N THR A 411 3.86 28.93 -3.99
CA THR A 411 4.66 27.79 -3.54
C THR A 411 3.84 26.51 -3.65
N LYS A 412 4.36 25.55 -4.39
CA LYS A 412 3.74 24.23 -4.53
C LYS A 412 4.46 23.28 -3.59
N TYR A 413 3.85 23.01 -2.45
CA TYR A 413 4.45 22.12 -1.46
C TYR A 413 4.39 20.68 -1.92
N VAL A 414 5.47 19.95 -1.68
CA VAL A 414 5.54 18.54 -1.98
C VAL A 414 5.59 17.75 -0.67
N GLY A 415 5.18 16.49 -0.74
CA GLY A 415 5.19 15.63 0.41
C GLY A 415 4.14 15.96 1.45
N ASN A 416 2.87 15.97 1.03
CA ASN A 416 1.79 16.41 1.89
C ASN A 416 0.96 15.23 2.34
N ASN A 417 0.53 15.27 3.60
CA ASN A 417 -0.50 14.37 4.14
C ASN A 417 -0.12 12.91 3.92
N ILE A 418 1.10 12.57 4.31
CA ILE A 418 1.59 11.20 4.15
C ILE A 418 0.73 10.29 5.00
N SER A 419 -0.02 9.40 4.35
CA SER A 419 -1.14 8.72 4.98
C SER A 419 -0.98 7.21 4.90
N THR A 420 -1.51 6.54 5.92
CA THR A 420 -1.59 5.10 5.96
C THR A 420 -2.74 4.75 6.90
N LYS A 421 -3.21 3.51 6.79
CA LYS A 421 -4.34 3.08 7.60
C LYS A 421 -3.97 3.05 9.08
N GLY A 422 -4.87 3.55 9.91
CA GLY A 422 -4.62 3.58 11.33
C GLY A 422 -4.69 2.20 11.96
N VAL A 423 -4.10 2.10 13.15
CA VAL A 423 -4.07 0.84 13.86
C VAL A 423 -5.38 0.65 14.61
N GLY A 424 -6.07 -0.45 14.32
CA GLY A 424 -7.26 -0.82 15.06
C GLY A 424 -8.52 -0.08 14.69
N SER A 425 -8.59 0.50 13.49
CA SER A 425 -9.79 1.16 13.02
C SER A 425 -9.68 1.36 11.52
N ASP A 426 -10.75 1.88 10.93
CA ASP A 426 -10.76 2.27 9.54
C ASP A 426 -10.37 3.72 9.34
N ARG A 427 -9.80 4.36 10.36
CA ARG A 427 -9.44 5.77 10.28
C ARG A 427 -8.11 5.95 9.55
N CYS A 428 -7.85 7.18 9.16
CA CYS A 428 -6.62 7.53 8.46
C CYS A 428 -5.62 8.09 9.45
N GLU A 429 -4.39 7.58 9.39
CA GLU A 429 -3.31 8.06 10.23
C GLU A 429 -2.37 8.91 9.38
N ASP A 430 -2.11 10.12 9.85
CA ASP A 430 -1.11 10.99 9.17
C ASP A 430 0.28 10.72 9.75
N ILE A 431 1.20 10.27 8.93
CA ILE A 431 2.58 9.96 9.39
C ILE A 431 3.63 10.93 8.84
N THR A 432 3.22 12.05 8.24
CA THR A 432 4.13 13.07 7.66
C THR A 432 5.27 13.44 8.63
N GLN A 433 5.00 13.56 9.93
CA GLN A 433 6.04 13.94 10.88
C GLN A 433 7.14 12.89 11.01
N ASN A 434 6.95 11.70 10.50
CA ASN A 434 8.04 10.70 10.52
C ASN A 434 9.01 11.04 9.39
N TYR A 435 8.50 11.58 8.31
CA TYR A 435 9.31 11.85 7.11
C TYR A 435 9.82 13.28 7.01
N LYS A 436 9.35 14.19 7.86
CA LYS A 436 9.68 15.61 7.64
C LYS A 436 9.43 16.48 8.85
N TYR A 437 10.31 17.43 9.08
CA TYR A 437 10.09 18.41 10.13
C TYR A 437 9.07 19.44 9.67
N PRO A 438 8.43 20.14 10.59
CA PRO A 438 7.48 21.20 10.21
C PRO A 438 8.15 22.24 9.31
N GLU A 439 7.38 22.71 8.33
CA GLU A 439 7.92 23.67 7.37
C GLU A 439 8.27 24.98 8.06
N GLY A 440 9.41 25.54 7.71
CA GLY A 440 9.86 26.78 8.31
C GLY A 440 10.40 26.65 9.72
N SER A 441 10.55 25.44 10.23
CA SER A 441 11.11 25.23 11.55
C SER A 441 12.63 25.24 11.50
N LEU A 442 13.24 25.19 12.68
CA LEU A 442 14.70 25.22 12.77
C LEU A 442 15.31 23.92 12.27
N GLN A 443 14.74 22.77 12.66
CA GLN A 443 15.29 21.49 12.26
C GLN A 443 15.22 21.29 10.76
N GLU A 444 14.11 21.70 10.14
CA GLU A 444 14.01 21.63 8.68
C GLU A 444 15.04 22.52 8.02
N LYS A 445 15.26 23.71 8.58
CA LYS A 445 16.29 24.61 8.06
C LYS A 445 17.66 23.96 8.11
N GLU A 446 17.99 23.33 9.24
CA GLU A 446 19.28 22.67 9.39
C GLU A 446 19.44 21.53 8.40
N VAL A 447 18.40 20.69 8.25
CA VAL A 447 18.47 19.55 7.36
C VAL A 447 18.66 20.01 5.91
N LEU A 448 17.87 21.00 5.48
CA LEU A 448 17.96 21.47 4.11
C LEU A 448 19.30 22.13 3.83
N GLU A 449 19.82 22.91 4.79
CA GLU A 449 21.13 23.53 4.58
C GLU A 449 22.24 22.49 4.52
N ARG A 450 22.19 21.48 5.39
CA ARG A 450 23.22 20.43 5.37
C ARG A 450 23.16 19.63 4.07
N VAL A 451 21.96 19.27 3.62
CA VAL A 451 21.81 18.52 2.38
C VAL A 451 22.28 19.35 1.19
N GLU A 452 21.91 20.63 1.13
CA GLU A 452 22.34 21.47 0.02
C GLU A 452 23.84 21.69 0.04
N LYS A 453 24.44 21.82 1.23
CA LYS A 453 25.89 21.96 1.32
C LYS A 453 26.60 20.71 0.82
N GLU A 454 26.11 19.53 1.22
CA GLU A 454 26.72 18.28 0.76
C GLU A 454 26.58 18.15 -0.76
N LYS A 455 25.41 18.48 -1.30
CA LYS A 455 25.22 18.39 -2.75
C LYS A 455 26.11 19.37 -3.49
N MET A 456 26.27 20.59 -2.97
CA MET A 456 27.15 21.56 -3.59
C MET A 456 28.60 21.10 -3.56
N GLU A 457 29.03 20.51 -2.44
CA GLU A 457 30.39 20.00 -2.34
C GLU A 457 30.63 18.84 -3.30
N ARG A 458 29.64 17.96 -3.43
CA ARG A 458 29.80 16.82 -4.34
C ARG A 458 29.84 17.27 -5.79
N GLU A 459 29.04 18.27 -6.15
CA GLU A 459 29.00 18.77 -7.52
C GLU A 459 30.17 19.71 -7.78
N SER A 473 5.87 41.89 -10.55
CA SER A 473 6.28 42.30 -9.22
C SER A 473 5.26 43.22 -8.53
N PRO A 474 4.72 44.24 -9.19
CA PRO A 474 3.61 44.97 -8.58
C PRO A 474 2.37 44.12 -8.41
N LEU A 475 2.26 43.02 -9.14
CA LEU A 475 1.06 42.21 -9.17
C LEU A 475 1.22 41.02 -8.23
N TYR A 476 0.14 40.69 -7.53
CA TYR A 476 0.07 39.50 -6.69
C TYR A 476 -1.21 38.74 -7.02
N LEU A 477 -1.10 37.43 -7.16
CA LEU A 477 -2.24 36.58 -7.48
C LEU A 477 -2.47 35.61 -6.33
N LEU A 478 -3.73 35.49 -5.92
CA LEU A 478 -4.13 34.57 -4.86
C LEU A 478 -5.31 33.76 -5.38
N LEU A 479 -5.08 32.46 -5.58
CA LEU A 479 -6.08 31.55 -6.13
C LEU A 479 -6.73 30.78 -5.01
N LYS A 480 -8.05 30.94 -4.86
CA LYS A 480 -8.84 30.17 -3.92
C LYS A 480 -9.70 29.20 -4.71
N ALA A 481 -9.57 27.91 -4.41
CA ALA A 481 -10.31 26.87 -5.09
C ALA A 481 -10.91 25.94 -4.05
N PRO A 482 -11.99 25.24 -4.41
CA PRO A 482 -12.45 24.15 -3.54
C PRO A 482 -11.53 22.96 -3.65
N SER A 483 -11.52 22.14 -2.60
CA SER A 483 -10.72 20.92 -2.63
C SER A 483 -11.24 19.92 -3.65
N SER A 484 -12.55 19.88 -3.89
CA SER A 484 -13.11 18.91 -4.82
C SER A 484 -14.24 19.55 -5.59
N LEU A 485 -14.53 18.99 -6.76
CA LEU A 485 -15.61 19.41 -7.63
C LEU A 485 -16.58 18.24 -7.77
N PRO A 486 -17.86 18.40 -7.43
CA PRO A 486 -18.82 17.31 -7.64
C PRO A 486 -18.89 16.91 -9.11
N LEU A 487 -18.96 15.61 -9.34
CA LEU A 487 -19.06 15.09 -10.70
C LEU A 487 -20.33 15.62 -11.36
N ARG A 488 -20.19 16.13 -12.58
CA ARG A 488 -21.26 16.83 -13.29
C ARG A 488 -21.88 17.92 -12.42
N GLY A 489 -21.03 18.66 -11.71
CA GLY A 489 -21.46 19.67 -10.78
C GLY A 489 -20.81 21.02 -11.02
N ASP A 490 -20.91 21.88 -10.01
CA ASP A 490 -20.47 23.26 -10.11
C ASP A 490 -19.57 23.63 -8.95
N ALA A 491 -18.58 24.47 -9.23
CA ALA A 491 -17.74 25.03 -8.18
C ALA A 491 -17.50 26.50 -8.49
N GLN A 492 -17.16 27.24 -7.45
CA GLN A 492 -16.78 28.64 -7.58
C GLN A 492 -15.32 28.80 -7.17
N ILE A 493 -14.52 29.38 -8.05
CA ILE A 493 -13.14 29.69 -7.75
C ILE A 493 -12.99 31.21 -7.64
N SER A 494 -12.02 31.64 -6.86
CA SER A 494 -11.75 33.05 -6.64
C SER A 494 -10.31 33.36 -7.02
N VAL A 495 -10.12 34.48 -7.72
CA VAL A 495 -8.79 34.99 -8.04
C VAL A 495 -8.68 36.39 -7.45
N THR A 496 -7.75 36.58 -6.54
CA THR A 496 -7.49 37.88 -5.94
C THR A 496 -6.26 38.49 -6.61
N LEU A 497 -6.45 39.64 -7.23
CA LEU A 497 -5.37 40.39 -7.84
C LEU A 497 -5.16 41.68 -7.05
N VAL A 498 -3.96 41.86 -6.53
CA VAL A 498 -3.61 43.06 -5.77
C VAL A 498 -2.58 43.83 -6.58
N ASN A 499 -2.88 45.08 -6.87
CA ASN A 499 -1.97 45.96 -7.59
C ASN A 499 -1.14 46.72 -6.57
N HIS A 500 0.18 46.54 -6.61
CA HIS A 500 1.08 47.28 -5.73
C HIS A 500 1.71 48.48 -6.43
N SER A 501 1.31 48.76 -7.66
CA SER A 501 1.87 49.88 -8.39
C SER A 501 1.19 51.18 -7.98
N GLU A 502 1.81 52.29 -8.37
CA GLU A 502 1.17 53.59 -8.19
C GLU A 502 0.31 53.95 -9.38
N GLN A 503 0.36 53.14 -10.44
CA GLN A 503 -0.35 53.40 -11.67
C GLN A 503 -1.24 52.21 -12.01
N GLU A 504 -2.42 52.50 -12.57
CA GLU A 504 -3.36 51.44 -12.89
C GLU A 504 -2.79 50.53 -13.96
N LYS A 505 -3.24 49.28 -13.95
CA LYS A 505 -2.63 48.22 -14.76
C LYS A 505 -3.69 47.51 -15.60
N ALA A 506 -3.28 47.07 -16.79
CA ALA A 506 -4.13 46.26 -17.66
C ALA A 506 -3.63 44.83 -17.63
N VAL A 507 -4.31 43.98 -16.87
CA VAL A 507 -3.89 42.61 -16.65
C VAL A 507 -4.67 41.69 -17.58
N GLN A 508 -4.05 40.58 -17.94
CA GLN A 508 -4.68 39.51 -18.72
C GLN A 508 -4.70 38.26 -17.85
N LEU A 509 -5.88 37.89 -17.36
CA LEU A 509 -6.03 36.75 -16.46
C LEU A 509 -6.43 35.52 -17.27
N ALA A 510 -5.51 34.58 -17.42
CA ALA A 510 -5.76 33.33 -18.12
C ALA A 510 -6.04 32.24 -17.10
N ILE A 511 -7.20 31.60 -17.21
CA ILE A 511 -7.60 30.50 -16.35
C ILE A 511 -7.69 29.25 -17.21
N GLY A 512 -7.08 28.17 -16.74
CA GLY A 512 -7.13 26.91 -17.46
C GLY A 512 -7.37 25.72 -16.57
N VAL A 513 -8.29 24.86 -16.97
CA VAL A 513 -8.53 23.59 -16.30
C VAL A 513 -8.06 22.48 -17.22
N GLN A 514 -7.24 21.58 -16.70
CA GLN A 514 -6.73 20.45 -17.44
C GLN A 514 -6.84 19.21 -16.58
N ALA A 515 -6.95 18.06 -17.24
CA ALA A 515 -7.06 16.77 -16.57
C ALA A 515 -5.69 16.12 -16.50
N VAL A 516 -5.33 15.61 -15.34
CA VAL A 516 -4.04 14.99 -15.12
C VAL A 516 -4.25 13.60 -14.51
N HIS A 517 -3.41 12.66 -14.92
CA HIS A 517 -3.39 11.37 -14.26
C HIS A 517 -2.71 11.49 -12.90
N TYR A 518 -2.79 10.41 -12.12
CA TYR A 518 -2.27 10.43 -10.76
C TYR A 518 -0.76 10.66 -10.73
N ASN A 519 -0.07 10.25 -11.80
CA ASN A 519 1.38 10.37 -11.88
C ASN A 519 1.83 11.64 -12.62
N GLY A 520 0.97 12.64 -12.73
CA GLY A 520 1.32 13.91 -13.34
C GLY A 520 1.28 13.95 -14.85
N VAL A 521 0.83 12.88 -15.50
CA VAL A 521 0.76 12.85 -16.96
C VAL A 521 -0.50 13.59 -17.42
N LEU A 522 -0.31 14.55 -18.31
CA LEU A 522 -1.43 15.37 -18.78
C LEU A 522 -2.39 14.52 -19.60
N ALA A 523 -3.68 14.64 -19.30
CA ALA A 523 -4.70 13.78 -19.88
C ALA A 523 -5.57 14.47 -20.91
N ALA A 524 -6.12 15.65 -20.59
CA ALA A 524 -7.04 16.33 -21.48
C ALA A 524 -7.26 17.79 -21.08
N LYS A 525 -7.18 18.70 -22.05
CA LYS A 525 -7.53 20.10 -21.81
C LYS A 525 -9.04 20.22 -21.72
N LEU A 526 -9.53 20.76 -20.61
CA LEU A 526 -10.96 20.77 -20.34
C LEU A 526 -11.60 22.13 -20.57
N TRP A 527 -11.01 23.17 -20.01
CA TRP A 527 -11.61 24.50 -20.04
C TRP A 527 -10.52 25.55 -20.08
N ARG A 528 -10.87 26.71 -20.59
CA ARG A 528 -9.98 27.86 -20.58
C ARG A 528 -10.78 29.14 -20.62
N LYS A 529 -10.29 30.16 -19.93
CA LYS A 529 -10.90 31.48 -19.93
C LYS A 529 -9.80 32.52 -20.00
N LYS A 530 -10.08 33.64 -20.68
CA LYS A 530 -9.12 34.73 -20.78
C LYS A 530 -9.84 36.02 -20.41
N LEU A 531 -9.74 36.42 -19.15
CA LEU A 531 -10.30 37.68 -18.68
C LEU A 531 -9.37 38.84 -19.04
N HIS A 532 -9.97 39.99 -19.30
CA HIS A 532 -9.25 41.25 -19.46
C HIS A 532 -9.77 42.20 -18.38
N LEU A 533 -8.88 42.60 -17.48
CA LEU A 533 -9.28 43.42 -16.34
C LEU A 533 -8.46 44.71 -16.32
N THR A 534 -9.03 45.72 -15.67
CA THR A 534 -8.30 46.93 -15.31
C THR A 534 -8.21 47.00 -13.81
N LEU A 535 -6.99 47.03 -13.29
CA LEU A 535 -6.73 47.07 -11.86
C LEU A 535 -6.38 48.48 -11.45
N SER A 536 -7.14 49.03 -10.51
CA SER A 536 -6.85 50.35 -9.99
C SER A 536 -5.54 50.32 -9.19
N ALA A 537 -4.84 51.45 -9.21
CA ALA A 537 -3.58 51.55 -8.48
C ALA A 537 -3.81 51.38 -6.99
N ASN A 538 -3.07 50.46 -6.39
CA ASN A 538 -3.17 50.13 -4.96
C ASN A 538 -4.57 49.69 -4.57
N LEU A 539 -5.12 48.69 -5.27
CA LEU A 539 -6.45 48.19 -4.97
C LEU A 539 -6.46 46.67 -5.05
N GLU A 540 -7.15 46.04 -4.09
CA GLU A 540 -7.41 44.62 -4.18
C GLU A 540 -8.69 44.35 -4.94
N LYS A 541 -8.61 43.43 -5.89
CA LYS A 541 -9.77 43.04 -6.68
C LYS A 541 -9.96 41.54 -6.57
N ILE A 542 -11.18 41.10 -6.32
CA ILE A 542 -11.53 39.69 -6.23
C ILE A 542 -12.42 39.35 -7.40
N ILE A 543 -11.98 38.38 -8.21
CA ILE A 543 -12.74 37.88 -9.35
C ILE A 543 -13.24 36.49 -8.99
N THR A 544 -14.54 36.26 -9.14
CA THR A 544 -15.14 34.97 -8.89
C THR A 544 -15.55 34.34 -10.21
N ILE A 545 -15.21 33.06 -10.38
CA ILE A 545 -15.42 32.35 -11.63
C ILE A 545 -16.19 31.08 -11.32
N GLY A 546 -17.23 30.81 -12.10
CA GLY A 546 -17.95 29.55 -11.97
C GLY A 546 -17.23 28.42 -12.69
N LEU A 547 -16.88 27.38 -11.96
CA LEU A 547 -16.24 26.20 -12.53
C LEU A 547 -17.33 25.16 -12.74
N PHE A 548 -17.74 24.96 -13.99
CA PHE A 548 -18.87 24.12 -14.33
C PHE A 548 -18.42 22.94 -15.18
N PHE A 549 -18.88 21.74 -14.81
CA PHE A 549 -18.61 20.56 -15.61
C PHE A 549 -19.18 20.70 -17.01
N SER A 550 -20.39 21.25 -17.14
CA SER A 550 -21.05 21.36 -18.43
C SER A 550 -20.29 22.26 -19.41
N ASN A 551 -19.49 23.20 -18.91
CA ASN A 551 -18.69 24.03 -19.79
C ASN A 551 -17.36 23.39 -20.18
N PHE A 552 -17.05 22.21 -19.67
CA PHE A 552 -15.83 21.52 -20.09
C PHE A 552 -15.96 21.06 -21.53
N GLU A 553 -14.86 21.19 -22.28
CA GLU A 553 -14.87 20.83 -23.69
C GLU A 553 -15.03 19.34 -23.92
N ARG A 554 -14.65 18.51 -22.96
CA ARG A 554 -14.77 17.06 -23.05
C ARG A 554 -14.71 16.50 -21.64
N ASN A 555 -15.32 15.34 -21.45
CA ASN A 555 -15.39 14.75 -20.11
C ASN A 555 -13.99 14.34 -19.64
N PRO A 556 -13.65 14.59 -18.38
CA PRO A 556 -12.37 14.14 -17.86
C PRO A 556 -12.29 12.62 -17.89
N PRO A 557 -11.13 12.06 -18.28
CA PRO A 557 -10.99 10.60 -18.23
C PRO A 557 -11.08 10.10 -16.80
N GLU A 558 -11.46 8.83 -16.66
CA GLU A 558 -11.57 8.24 -15.34
C GLU A 558 -10.20 8.22 -14.66
N ASN A 559 -10.24 8.35 -13.34
CA ASN A 559 -9.10 8.40 -12.41
C ASN A 559 -8.31 9.69 -12.51
N THR A 560 -8.78 10.69 -13.24
CA THR A 560 -8.01 11.91 -13.40
C THR A 560 -8.37 12.94 -12.34
N PHE A 561 -7.54 13.98 -12.27
CA PHE A 561 -7.71 15.08 -11.34
C PHE A 561 -7.68 16.37 -12.13
N LEU A 562 -8.27 17.42 -11.57
CA LEU A 562 -8.34 18.70 -12.26
C LEU A 562 -7.16 19.57 -11.84
N ARG A 563 -6.38 20.01 -12.83
CA ARG A 563 -5.29 20.96 -12.60
C ARG A 563 -5.80 22.34 -12.98
N LEU A 564 -6.17 23.13 -11.98
CA LEU A 564 -6.64 24.48 -12.19
C LEU A 564 -5.45 25.44 -12.15
N THR A 565 -5.33 26.29 -13.15
CA THR A 565 -4.24 27.25 -13.23
C THR A 565 -4.77 28.66 -13.45
N ALA A 566 -4.10 29.64 -12.87
CA ALA A 566 -4.39 31.05 -13.11
C ALA A 566 -3.08 31.75 -13.44
N MET A 567 -3.04 32.43 -14.58
CA MET A 567 -1.85 33.14 -15.03
C MET A 567 -2.22 34.59 -15.34
N ALA A 568 -1.54 35.53 -14.71
CA ALA A 568 -1.78 36.96 -14.88
C ALA A 568 -0.59 37.60 -15.58
N THR A 569 -0.86 38.26 -16.71
CA THR A 569 0.15 39.01 -17.45
C THR A 569 -0.30 40.46 -17.52
N HIS A 570 0.57 41.38 -17.17
CA HIS A 570 0.28 42.80 -17.25
C HIS A 570 1.37 43.51 -18.05
N SER A 571 0.96 44.49 -18.86
CA SER A 571 1.83 45.42 -19.57
C SER A 571 2.94 44.71 -20.35
N GLU A 572 4.19 45.06 -20.07
CA GLU A 572 5.36 44.48 -20.73
C GLU A 572 6.43 44.21 -19.67
N SER A 573 6.00 43.65 -18.53
CA SER A 573 6.93 43.32 -17.46
C SER A 573 7.65 42.00 -17.68
N ASN A 574 7.08 41.12 -18.52
CA ASN A 574 7.72 39.80 -18.81
C ASN A 574 7.61 38.87 -17.59
N LEU A 575 7.05 39.36 -16.49
CA LEU A 575 6.85 38.47 -15.34
C LEU A 575 5.35 38.17 -15.28
N SER A 576 5.01 36.91 -15.23
CA SER A 576 3.60 36.53 -15.13
C SER A 576 3.37 35.95 -13.76
N CYS A 577 2.35 36.42 -13.05
CA CYS A 577 1.96 35.77 -11.80
C CYS A 577 1.32 34.45 -12.22
N PHE A 578 1.56 33.36 -11.51
CA PHE A 578 0.94 32.06 -11.81
C PHE A 578 0.53 31.39 -10.50
N ALA A 579 -0.58 30.67 -10.54
CA ALA A 579 -0.99 29.88 -9.37
C ALA A 579 -1.65 28.60 -9.88
N GLN A 580 -1.46 27.50 -9.16
CA GLN A 580 -2.05 26.23 -9.53
C GLN A 580 -2.65 25.57 -8.30
N GLU A 581 -3.67 24.75 -8.53
CA GLU A 581 -4.25 23.89 -7.50
C GLU A 581 -4.69 22.58 -8.14
N ASP A 582 -4.68 21.52 -7.34
CA ASP A 582 -5.18 20.22 -7.75
C ASP A 582 -6.57 20.03 -7.16
N ILE A 583 -7.57 19.86 -8.01
CA ILE A 583 -8.95 19.67 -7.58
C ILE A 583 -9.35 18.25 -7.86
N ALA A 584 -9.86 17.57 -6.84
CA ALA A 584 -10.39 16.22 -6.99
C ALA A 584 -11.79 16.26 -7.56
N ILE A 585 -12.24 15.15 -8.12
CA ILE A 585 -13.60 15.01 -8.57
C ILE A 585 -14.35 14.16 -7.56
N CYS A 586 -15.45 14.70 -7.03
CA CYS A 586 -16.20 14.05 -5.97
C CYS A 586 -17.41 13.36 -6.59
N ARG A 587 -17.51 12.07 -6.39
CA ARG A 587 -18.61 11.26 -6.88
C ARG A 587 -19.67 11.11 -5.79
N PRO A 588 -20.90 10.72 -6.15
CA PRO A 588 -21.95 10.60 -5.13
C PRO A 588 -21.58 9.62 -4.03
N HIS A 589 -22.07 9.91 -2.83
CA HIS A 589 -21.73 9.10 -1.66
C HIS A 589 -22.57 7.84 -1.61
N LEU A 590 -21.90 6.70 -1.48
CA LEU A 590 -22.53 5.39 -1.43
C LEU A 590 -22.72 5.02 0.03
N ALA A 591 -23.90 5.30 0.57
CA ALA A 591 -24.15 5.11 1.99
C ALA A 591 -24.55 3.67 2.28
N ILE A 592 -23.83 3.03 3.19
CA ILE A 592 -24.09 1.66 3.59
C ILE A 592 -24.61 1.66 5.02
N LYS A 593 -25.78 1.05 5.23
CA LYS A 593 -26.41 0.99 6.53
C LYS A 593 -26.49 -0.47 6.96
N MET A 594 -25.76 -0.82 8.00
CA MET A 594 -25.63 -2.20 8.46
C MET A 594 -25.47 -2.19 9.97
N PRO A 595 -26.02 -3.17 10.67
CA PRO A 595 -25.79 -3.26 12.13
C PRO A 595 -24.32 -3.41 12.44
N GLU A 596 -23.90 -2.79 13.54
CA GLU A 596 -22.49 -2.85 13.96
C GLU A 596 -22.11 -4.25 14.42
N LYS A 597 -22.99 -4.91 15.16
CA LYS A 597 -22.78 -6.26 15.63
C LYS A 597 -23.70 -7.21 14.89
N ALA A 598 -23.21 -8.42 14.65
CA ALA A 598 -24.01 -9.44 13.99
C ALA A 598 -23.65 -10.80 14.56
N GLU A 599 -24.64 -11.66 14.66
CA GLU A 599 -24.43 -13.02 15.14
C GLU A 599 -24.05 -13.92 13.97
N GLN A 600 -23.06 -14.77 14.19
CA GLN A 600 -22.68 -15.76 13.20
C GLN A 600 -23.85 -16.71 12.95
N TYR A 601 -24.02 -17.11 11.69
CA TYR A 601 -25.04 -18.05 11.24
C TYR A 601 -26.46 -17.48 11.34
N GLN A 602 -26.61 -16.18 11.57
CA GLN A 602 -27.91 -15.55 11.53
C GLN A 602 -27.95 -14.57 10.37
N PRO A 603 -29.10 -14.43 9.70
CA PRO A 603 -29.18 -13.54 8.54
C PRO A 603 -29.00 -12.09 8.92
N LEU A 604 -28.36 -11.34 8.03
CA LEU A 604 -27.99 -9.95 8.27
C LEU A 604 -28.39 -9.14 7.05
N THR A 605 -28.99 -7.98 7.28
CA THR A 605 -29.45 -7.10 6.22
C THR A 605 -28.58 -5.84 6.15
N ALA A 606 -28.11 -5.52 4.95
CA ALA A 606 -27.37 -4.29 4.71
C ALA A 606 -28.08 -3.50 3.62
N SER A 607 -28.49 -2.28 3.94
CA SER A 607 -29.18 -1.42 2.99
C SER A 607 -28.19 -0.41 2.42
N VAL A 608 -28.29 -0.14 1.14
CA VAL A 608 -27.40 0.74 0.41
C VAL A 608 -28.21 1.83 -0.26
N SER A 609 -27.84 3.09 -0.01
CA SER A 609 -28.53 4.23 -0.59
C SER A 609 -27.54 5.07 -1.40
N LEU A 610 -27.99 5.54 -2.56
CA LEU A 610 -27.19 6.39 -3.43
C LEU A 610 -28.09 7.43 -4.08
N GLN A 611 -27.81 8.70 -3.86
CA GLN A 611 -28.60 9.79 -4.40
C GLN A 611 -27.95 10.27 -5.70
N ASN A 612 -28.74 10.36 -6.76
CA ASN A 612 -28.25 10.82 -8.05
C ASN A 612 -28.22 12.34 -8.05
N SER A 613 -27.04 12.90 -7.77
CA SER A 613 -26.82 14.33 -7.80
C SER A 613 -26.33 14.81 -9.16
N LEU A 614 -26.23 13.91 -10.13
CA LEU A 614 -25.79 14.25 -11.46
C LEU A 614 -26.93 14.89 -12.26
N ASP A 615 -26.60 15.31 -13.48
CA ASP A 615 -27.56 15.97 -14.36
C ASP A 615 -28.27 15.01 -15.30
N ALA A 616 -27.88 13.74 -15.33
CA ALA A 616 -28.40 12.74 -16.24
C ALA A 616 -28.83 11.53 -15.44
N PRO A 617 -29.76 10.73 -15.96
CA PRO A 617 -30.11 9.49 -15.26
C PRO A 617 -28.94 8.52 -15.22
N MET A 618 -28.88 7.75 -14.15
CA MET A 618 -27.91 6.67 -14.01
C MET A 618 -28.46 5.45 -14.73
N GLU A 619 -27.76 5.00 -15.76
CA GLU A 619 -28.22 3.92 -16.64
C GLU A 619 -27.24 2.77 -16.60
N ASP A 620 -27.75 1.57 -16.93
CA ASP A 620 -27.00 0.32 -16.92
C ASP A 620 -26.37 0.10 -15.54
N CYS A 621 -27.21 0.16 -14.52
CA CYS A 621 -26.78 0.26 -13.14
C CYS A 621 -26.54 -1.12 -12.54
N VAL A 622 -25.31 -1.38 -12.11
CA VAL A 622 -24.93 -2.64 -11.47
C VAL A 622 -24.37 -2.34 -10.09
N ILE A 623 -24.80 -3.12 -9.09
CA ILE A 623 -24.27 -3.02 -7.74
C ILE A 623 -23.73 -4.39 -7.33
N SER A 624 -22.52 -4.40 -6.80
CA SER A 624 -21.84 -5.63 -6.39
C SER A 624 -21.51 -5.56 -4.91
N ILE A 625 -21.60 -6.71 -4.24
CA ILE A 625 -21.24 -6.81 -2.82
C ILE A 625 -20.24 -7.97 -2.67
N LEU A 626 -19.26 -7.78 -1.77
CA LEU A 626 -18.30 -8.82 -1.47
C LEU A 626 -17.78 -8.61 -0.05
N GLY A 627 -16.87 -9.47 0.37
CA GLY A 627 -16.25 -9.35 1.66
C GLY A 627 -15.85 -10.68 2.25
N ARG A 628 -14.61 -10.76 2.74
CA ARG A 628 -14.09 -11.98 3.33
C ARG A 628 -14.84 -12.33 4.59
N GLY A 629 -15.29 -13.58 4.69
CA GLY A 629 -16.04 -14.02 5.85
C GLY A 629 -17.49 -13.59 5.87
N LEU A 630 -17.95 -12.90 4.84
CA LEU A 630 -19.35 -12.49 4.71
C LEU A 630 -20.00 -13.06 3.47
N ILE A 631 -19.34 -12.98 2.32
CA ILE A 631 -19.90 -13.38 1.05
C ILE A 631 -18.86 -14.25 0.34
N HIS A 632 -19.29 -15.38 -0.18
CA HIS A 632 -18.42 -16.20 -1.03
C HIS A 632 -18.26 -15.50 -2.38
N ARG A 633 -17.01 -15.11 -2.69
CA ARG A 633 -16.68 -14.36 -3.91
C ARG A 633 -17.50 -13.08 -3.93
N GLU A 634 -18.33 -12.83 -4.92
CA GLU A 634 -19.15 -11.62 -4.94
C GLU A 634 -20.43 -11.87 -5.70
N ARG A 635 -21.41 -11.01 -5.45
CA ARG A 635 -22.69 -11.05 -6.13
C ARG A 635 -22.98 -9.70 -6.76
N SER A 636 -23.32 -9.70 -8.04
CA SER A 636 -23.69 -8.51 -8.78
C SER A 636 -25.20 -8.50 -8.98
N TYR A 637 -25.79 -7.33 -8.84
CA TYR A 637 -27.22 -7.13 -9.03
C TYR A 637 -27.43 -5.98 -10.01
N ARG A 638 -28.59 -5.96 -10.66
CA ARG A 638 -29.02 -4.85 -11.48
C ARG A 638 -30.11 -4.10 -10.73
N PHE A 639 -30.03 -2.78 -10.72
CA PHE A 639 -31.11 -1.97 -10.16
C PHE A 639 -31.57 -0.94 -11.18
N ARG A 640 -32.79 -0.44 -10.95
CA ARG A 640 -33.44 0.43 -11.93
C ARG A 640 -32.69 1.74 -12.11
N SER A 641 -32.89 2.36 -13.27
CA SER A 641 -32.30 3.66 -13.53
C SER A 641 -32.80 4.67 -12.51
N VAL A 642 -31.87 5.53 -12.07
CA VAL A 642 -32.16 6.53 -11.05
C VAL A 642 -32.08 7.89 -11.73
N TRP A 643 -33.21 8.60 -11.78
CA TRP A 643 -33.25 9.91 -12.37
C TRP A 643 -32.54 10.92 -11.48
N PRO A 644 -32.16 12.08 -12.04
CA PRO A 644 -31.56 13.12 -11.20
C PRO A 644 -32.50 13.51 -10.07
N GLU A 645 -31.91 13.78 -8.91
CA GLU A 645 -32.56 14.07 -7.63
C GLU A 645 -33.37 12.90 -7.09
N ASN A 646 -33.14 11.69 -7.57
CA ASN A 646 -33.77 10.52 -6.99
C ASN A 646 -32.75 9.75 -6.15
N THR A 647 -33.26 8.83 -5.34
CA THR A 647 -32.42 8.06 -4.42
C THR A 647 -32.61 6.58 -4.69
N MET A 648 -31.53 5.89 -5.01
CA MET A 648 -31.53 4.44 -5.03
C MET A 648 -31.49 3.92 -3.61
N CYS A 649 -32.22 2.84 -3.35
CA CYS A 649 -32.20 2.20 -2.05
C CYS A 649 -32.33 0.69 -2.27
N ALA A 650 -31.22 -0.01 -2.15
CA ALA A 650 -31.17 -1.45 -2.34
C ALA A 650 -30.87 -2.12 -1.01
N LYS A 651 -31.56 -3.21 -0.73
CA LYS A 651 -31.34 -4.00 0.47
C LYS A 651 -30.74 -5.34 0.07
N PHE A 652 -29.86 -5.87 0.90
CA PHE A 652 -29.22 -7.16 0.66
C PHE A 652 -29.26 -7.97 1.94
N GLN A 653 -29.67 -9.23 1.83
CA GLN A 653 -29.66 -10.16 2.95
C GLN A 653 -28.55 -11.18 2.72
N PHE A 654 -27.73 -11.40 3.74
CA PHE A 654 -26.69 -12.40 3.69
C PHE A 654 -26.43 -12.88 5.11
N THR A 655 -25.83 -14.07 5.22
CA THR A 655 -25.54 -14.65 6.51
C THR A 655 -24.04 -14.69 6.74
N PRO A 656 -23.51 -13.96 7.72
CA PRO A 656 -22.10 -14.14 8.08
C PRO A 656 -21.83 -15.54 8.58
N THR A 657 -20.68 -16.08 8.20
CA THR A 657 -20.29 -17.41 8.63
C THR A 657 -18.96 -17.46 9.38
N HIS A 658 -18.19 -16.38 9.38
CA HIS A 658 -16.89 -16.33 10.04
C HIS A 658 -16.91 -15.30 11.15
N VAL A 659 -16.44 -15.70 12.33
CA VAL A 659 -16.37 -14.81 13.47
C VAL A 659 -15.25 -13.79 13.28
N GLY A 660 -15.47 -12.57 13.79
CA GLY A 660 -14.45 -11.55 13.87
C GLY A 660 -14.92 -10.26 13.28
N LEU A 661 -13.97 -9.36 13.06
CA LEU A 661 -14.23 -8.06 12.46
C LEU A 661 -14.16 -8.20 10.94
N GLN A 662 -15.33 -8.23 10.30
CA GLN A 662 -15.41 -8.37 8.86
C GLN A 662 -15.76 -7.04 8.21
N ARG A 663 -15.67 -7.00 6.89
CA ARG A 663 -15.93 -5.79 6.13
C ARG A 663 -16.75 -6.13 4.90
N LEU A 664 -17.82 -5.39 4.69
CA LEU A 664 -18.64 -5.49 3.49
C LEU A 664 -18.26 -4.38 2.52
N THR A 665 -17.89 -4.75 1.31
CA THR A 665 -17.54 -3.79 0.28
C THR A 665 -18.61 -3.78 -0.81
N VAL A 666 -19.09 -2.59 -1.13
CA VAL A 666 -20.15 -2.40 -2.12
C VAL A 666 -19.58 -1.57 -3.27
N GLU A 667 -19.78 -2.03 -4.50
CA GLU A 667 -19.33 -1.31 -5.67
C GLU A 667 -20.51 -1.04 -6.59
N VAL A 668 -20.60 0.18 -7.10
CA VAL A 668 -21.69 0.62 -7.98
C VAL A 668 -21.10 1.07 -9.30
N ASP A 669 -21.67 0.55 -10.40
CA ASP A 669 -21.32 0.99 -11.75
C ASP A 669 -22.57 1.48 -12.46
N CYS A 670 -22.42 2.49 -13.29
CA CYS A 670 -23.47 2.94 -14.19
C CYS A 670 -22.80 3.52 -15.42
N ASN A 671 -23.59 4.17 -16.27
CA ASN A 671 -23.01 4.83 -17.44
C ASN A 671 -22.34 6.15 -17.08
N MET A 672 -22.77 6.81 -16.00
CA MET A 672 -22.16 8.06 -15.57
C MET A 672 -20.84 7.87 -14.84
N PHE A 673 -20.72 6.83 -14.03
CA PHE A 673 -19.49 6.56 -13.29
C PHE A 673 -19.34 5.06 -13.12
N GLN A 674 -18.10 4.64 -12.87
CA GLN A 674 -17.81 3.23 -12.65
C GLN A 674 -16.89 3.08 -11.45
N ASN A 675 -16.94 1.89 -10.85
CA ASN A 675 -16.03 1.50 -9.76
C ASN A 675 -16.15 2.42 -8.55
N LEU A 676 -17.38 2.84 -8.26
CA LEU A 676 -17.66 3.63 -7.06
C LEU A 676 -17.84 2.68 -5.88
N THR A 677 -16.85 2.63 -5.00
CA THR A 677 -16.82 1.68 -3.91
C THR A 677 -16.95 2.39 -2.57
N ASN A 678 -17.65 1.75 -1.65
CA ASN A 678 -17.64 2.11 -0.24
C ASN A 678 -17.61 0.81 0.56
N TYR A 679 -17.30 0.94 1.85
CA TYR A 679 -17.16 -0.22 2.73
C TYR A 679 -17.82 0.08 4.06
N LYS A 680 -18.15 -0.98 4.79
CA LYS A 680 -18.61 -0.88 6.17
C LYS A 680 -18.18 -2.12 6.93
N SER A 681 -17.82 -1.93 8.19
CA SER A 681 -17.32 -3.00 9.03
C SER A 681 -18.41 -3.51 9.96
N VAL A 682 -18.42 -4.82 10.18
CA VAL A 682 -19.33 -5.45 11.10
C VAL A 682 -18.56 -6.51 11.89
N THR A 683 -18.73 -6.52 13.20
CA THR A 683 -18.10 -7.53 14.04
C THR A 683 -19.05 -8.70 14.19
N VAL A 684 -18.63 -9.87 13.74
CA VAL A 684 -19.45 -11.07 13.79
C VAL A 684 -19.12 -11.83 15.06
N VAL A 685 -20.12 -12.03 15.91
CA VAL A 685 -19.94 -12.68 17.20
C VAL A 685 -20.41 -14.13 17.10
N ALA A 686 -19.80 -14.98 17.90
CA ALA A 686 -20.18 -16.39 17.94
C ALA A 686 -21.57 -16.53 18.56
N PRO A 687 -22.30 -17.58 18.19
CA PRO A 687 -23.64 -17.78 18.76
C PRO A 687 -23.58 -18.01 20.26
N GLU A 688 -24.66 -17.61 20.93
CA GLU A 688 -24.76 -17.83 22.37
C GLU A 688 -24.81 -19.32 22.68
N LEU A 689 -23.99 -19.75 23.64
CA LEU A 689 -23.92 -21.16 23.99
C LEU A 689 -25.23 -21.62 24.61
N SER A 690 -25.70 -22.79 24.18
CA SER A 690 -26.94 -23.36 24.67
C SER A 690 -26.83 -24.88 24.62
N ALA A 691 -27.95 -25.56 24.82
CA ALA A 691 -27.98 -27.02 24.79
C ALA A 691 -28.73 -27.52 23.56
#